data_4ILS
#
_entry.id   4ILS
#
_cell.length_a   112.852
_cell.length_b   112.852
_cell.length_c   232.186
_cell.angle_alpha   90.00
_cell.angle_beta   90.00
_cell.angle_gamma   90.00
#
_symmetry.space_group_name_H-M   'P 41 21 2'
#
loop_
_entity.id
_entity.type
_entity.pdbx_description
1 polymer 'Engineered protein'
2 water water
#
_entity_poly.entity_id   1
_entity_poly.type   'polypeptide(L)'
_entity_poly.pdbx_seq_one_letter_code
;MNDFHRDTWAEVDLDAIYDNVENLRRLLPDDTHIMASVCGNAYGHGDVQVARTALEAGASRLAVAFLDEALALREKGIEA
PILVTGASRPADAALAAQQRIALTVFRSDWLEEASALYSGPFPIHFHLYMDTGMGSLGVKDEEETKRIVALIERHPHFVL
EGLWTWFATADEVNTDYFSYQYTRFLHMLEWLPSRPPLVFCANSAASLRFPDRTFNMVQFGIAMYGLAPSPGIKPLLPYP
LKEAFSLHSRLVHVKKLQPGEKVSYGATYTAQTEEWIGTIPIGYKDGWLRRLQHFHVLVDGQKAPIVGRILMDMCMIRLP
GPLPVGTKVTLIGRQGDKVISIDDVARHLETINYEVPCTISYRVPRIFFRHKRIMEVRNAIGRGESSAGS
;
_entity_poly.pdbx_strand_id   A,B,C
#
# COMPACT_ATOMS: atom_id res chain seq x y z
N ASN A 2 -19.60 -9.88 58.36
CA ASN A 2 -18.98 -8.53 58.41
C ASN A 2 -17.77 -8.45 59.36
N ASP A 3 -17.78 -9.25 60.42
CA ASP A 3 -16.60 -9.41 61.26
C ASP A 3 -15.84 -10.67 60.81
N PHE A 4 -14.53 -10.68 60.99
CA PHE A 4 -13.75 -11.90 60.77
C PHE A 4 -12.70 -12.08 61.85
N HIS A 5 -12.19 -13.29 62.02
CA HIS A 5 -11.43 -13.59 63.23
C HIS A 5 -10.12 -14.32 63.03
N ARG A 6 -9.53 -14.10 61.85
CA ARG A 6 -8.16 -14.50 61.53
C ARG A 6 -7.54 -13.34 60.76
N ASP A 7 -6.25 -13.09 61.01
CA ASP A 7 -5.53 -11.98 60.41
C ASP A 7 -5.05 -12.27 58.99
N THR A 8 -5.99 -12.56 58.11
CA THR A 8 -5.72 -12.93 56.73
C THR A 8 -6.94 -12.48 55.97
N TRP A 9 -6.74 -11.63 54.97
CA TRP A 9 -7.86 -11.05 54.27
C TRP A 9 -7.48 -10.61 52.87
N ALA A 10 -8.49 -10.54 51.99
CA ALA A 10 -8.27 -9.97 50.67
C ALA A 10 -8.89 -8.57 50.62
N GLU A 11 -8.28 -7.68 49.84
CA GLU A 11 -8.89 -6.37 49.58
C GLU A 11 -9.28 -6.24 48.11
N VAL A 12 -10.49 -5.75 47.90
CA VAL A 12 -11.00 -5.53 46.56
C VAL A 12 -11.34 -4.05 46.37
N ASP A 13 -10.64 -3.43 45.44
CA ASP A 13 -10.81 -2.01 45.14
C ASP A 13 -11.88 -1.85 44.04
N LEU A 14 -13.10 -1.55 44.46
CA LEU A 14 -14.18 -1.29 43.49
C LEU A 14 -14.00 0.02 42.71
N ASP A 15 -13.19 0.95 43.23
CA ASP A 15 -12.82 2.15 42.45
C ASP A 15 -12.02 1.78 41.21
N ALA A 16 -11.21 0.73 41.34
CA ALA A 16 -10.43 0.19 40.23
C ALA A 16 -11.35 -0.38 39.16
N ILE A 17 -12.32 -1.19 39.57
CA ILE A 17 -13.33 -1.73 38.67
C ILE A 17 -14.07 -0.60 37.95
N TYR A 18 -14.59 0.35 38.74
CA TYR A 18 -15.26 1.54 38.23
C TYR A 18 -14.44 2.25 37.17
N ASP A 19 -13.19 2.58 37.51
CA ASP A 19 -12.32 3.32 36.62
C ASP A 19 -12.05 2.56 35.33
N ASN A 20 -11.72 1.27 35.43
CA ASN A 20 -11.48 0.45 34.24
C ASN A 20 -12.67 0.48 33.29
N VAL A 21 -13.87 0.30 33.82
CA VAL A 21 -15.09 0.28 33.02
C VAL A 21 -15.40 1.68 32.45
N GLU A 22 -15.11 2.72 33.23
CA GLU A 22 -15.42 4.08 32.80
C GLU A 22 -14.56 4.50 31.62
N ASN A 23 -13.28 4.14 31.67
CA ASN A 23 -12.35 4.44 30.58
C ASN A 23 -12.81 3.79 29.28
N LEU A 24 -13.25 2.53 29.36
CA LEU A 24 -13.79 1.82 28.21
C LEU A 24 -15.12 2.43 27.73
N ARG A 25 -16.01 2.75 28.68
CA ARG A 25 -17.31 3.36 28.35
C ARG A 25 -17.15 4.69 27.60
N ARG A 26 -16.03 5.37 27.85
CA ARG A 26 -15.70 6.62 27.18
C ARG A 26 -15.21 6.33 25.77
N LEU A 27 -14.22 5.43 25.67
CA LEU A 27 -13.59 5.05 24.42
C LEU A 27 -14.54 4.51 23.33
N LEU A 28 -15.45 3.61 23.70
CA LEU A 28 -16.36 2.98 22.74
C LEU A 28 -17.47 3.93 22.26
N PRO A 29 -17.96 3.71 21.01
CA PRO A 29 -19.13 4.41 20.45
C PRO A 29 -20.36 4.28 21.34
N ASP A 30 -21.26 5.26 21.29
CA ASP A 30 -22.41 5.34 22.18
C ASP A 30 -23.46 4.23 21.99
N ASP A 31 -23.39 3.54 20.85
CA ASP A 31 -24.38 2.50 20.55
C ASP A 31 -23.89 1.07 20.74
N THR A 32 -22.61 0.91 21.10
CA THR A 32 -22.09 -0.42 21.46
C THR A 32 -22.16 -0.68 22.98
N HIS A 33 -22.76 -1.80 23.36
CA HIS A 33 -22.93 -2.17 24.75
C HIS A 33 -21.63 -2.71 25.36
N ILE A 34 -21.47 -2.55 26.68
CA ILE A 34 -20.41 -3.23 27.41
C ILE A 34 -20.99 -4.39 28.22
N MET A 35 -20.45 -5.58 28.00
CA MET A 35 -20.80 -6.76 28.80
C MET A 35 -19.70 -7.05 29.83
N ALA A 36 -20.11 -7.09 31.10
CA ALA A 36 -19.23 -7.38 32.24
C ALA A 36 -19.19 -8.87 32.57
N SER A 37 -18.00 -9.44 32.52
CA SER A 37 -17.83 -10.86 32.84
C SER A 37 -17.68 -11.04 34.36
N VAL A 38 -18.62 -11.74 34.98
CA VAL A 38 -18.57 -11.89 36.44
C VAL A 38 -18.70 -13.35 36.92
N CYS A 39 -18.36 -14.29 36.03
CA CYS A 39 -18.29 -15.71 36.39
C CYS A 39 -17.23 -15.97 37.47
N GLY A 40 -17.41 -17.08 38.18
CA GLY A 40 -16.50 -17.50 39.22
C GLY A 40 -16.42 -16.48 40.33
N ASN A 41 -17.59 -16.09 40.82
CA ASN A 41 -17.71 -15.07 41.84
C ASN A 41 -16.87 -13.85 41.47
N ALA A 42 -17.06 -13.41 40.23
CA ALA A 42 -16.30 -12.29 39.64
C ALA A 42 -14.80 -12.54 39.78
N TYR A 43 -14.36 -13.74 39.39
CA TYR A 43 -12.96 -14.11 39.46
C TYR A 43 -12.39 -13.93 40.87
N GLY A 44 -13.17 -14.34 41.87
CA GLY A 44 -12.72 -14.31 43.24
C GLY A 44 -12.82 -12.94 43.91
N HIS A 45 -13.33 -11.94 43.19
CA HIS A 45 -13.45 -10.58 43.73
C HIS A 45 -14.79 -10.34 44.42
N GLY A 46 -15.83 -11.07 44.05
CA GLY A 46 -17.15 -10.88 44.66
C GLY A 46 -18.21 -10.51 43.63
N ASP A 47 -19.07 -11.47 43.31
CA ASP A 47 -20.01 -11.35 42.19
C ASP A 47 -20.87 -10.07 42.22
N VAL A 48 -21.67 -9.92 43.29
CA VAL A 48 -22.60 -8.82 43.34
C VAL A 48 -21.93 -7.44 43.52
N GLN A 49 -20.86 -7.38 44.30
CA GLN A 49 -20.15 -6.12 44.47
C GLN A 49 -19.59 -5.62 43.15
N VAL A 50 -18.99 -6.53 42.38
CA VAL A 50 -18.40 -6.15 41.08
C VAL A 50 -19.46 -5.83 40.04
N ALA A 51 -20.51 -6.65 39.96
CA ALA A 51 -21.62 -6.41 39.00
C ALA A 51 -22.22 -5.02 39.21
N ARG A 52 -22.61 -4.74 40.44
CA ARG A 52 -23.17 -3.44 40.84
C ARG A 52 -22.25 -2.29 40.39
N THR A 53 -20.96 -2.40 40.69
CA THR A 53 -20.00 -1.38 40.30
C THR A 53 -19.84 -1.26 38.79
N ALA A 54 -19.73 -2.38 38.09
CA ALA A 54 -19.55 -2.33 36.64
C ALA A 54 -20.77 -1.70 35.96
N LEU A 55 -21.96 -2.02 36.47
CA LEU A 55 -23.21 -1.47 35.97
C LEU A 55 -23.30 0.04 36.21
N GLU A 56 -22.99 0.48 37.43
CA GLU A 56 -22.93 1.91 37.78
C GLU A 56 -22.00 2.68 36.84
N ALA A 57 -21.00 1.98 36.31
CA ALA A 57 -19.92 2.63 35.57
C ALA A 57 -20.13 2.63 34.05
N GLY A 58 -21.23 2.03 33.59
CA GLY A 58 -21.48 1.92 32.16
C GLY A 58 -21.78 0.56 31.55
N ALA A 59 -21.40 -0.54 32.22
CA ALA A 59 -21.80 -1.87 31.74
C ALA A 59 -23.33 -1.98 31.71
N SER A 60 -23.87 -2.66 30.70
CA SER A 60 -25.33 -2.79 30.69
C SER A 60 -25.81 -4.23 30.76
N ARG A 61 -24.87 -5.18 30.70
CA ARG A 61 -25.20 -6.61 30.73
C ARG A 61 -24.11 -7.40 31.45
N LEU A 62 -24.50 -8.55 32.00
CA LEU A 62 -23.56 -9.41 32.71
C LEU A 62 -23.43 -10.78 32.06
N ALA A 63 -22.25 -11.38 32.24
CA ALA A 63 -21.96 -12.69 31.69
C ALA A 63 -21.50 -13.60 32.84
N VAL A 64 -22.10 -14.78 32.93
CA VAL A 64 -21.70 -15.81 33.88
C VAL A 64 -21.52 -17.12 33.13
N ALA A 65 -20.95 -18.12 33.80
CA ALA A 65 -20.55 -19.34 33.12
C ALA A 65 -21.64 -20.39 33.14
N PHE A 66 -22.41 -20.43 34.22
CA PHE A 66 -23.50 -21.43 34.31
C PHE A 66 -24.68 -20.91 35.13
N LEU A 67 -25.82 -21.58 35.02
CA LEU A 67 -27.10 -21.01 35.48
C LEU A 67 -27.09 -20.60 36.95
N ASP A 68 -26.55 -21.45 37.82
CA ASP A 68 -26.47 -21.19 39.27
C ASP A 68 -25.85 -19.82 39.54
N GLU A 69 -24.83 -19.45 38.80
CA GLU A 69 -24.23 -18.11 38.91
C GLU A 69 -25.20 -16.96 38.56
N ALA A 70 -26.04 -17.15 37.55
CA ALA A 70 -27.05 -16.15 37.21
C ALA A 70 -28.14 -16.09 38.28
N LEU A 71 -28.54 -17.26 38.79
CA LEU A 71 -29.53 -17.36 39.87
C LEU A 71 -29.05 -16.68 41.14
N ALA A 72 -27.77 -16.82 41.47
CA ALA A 72 -27.25 -16.21 42.67
C ALA A 72 -27.25 -14.68 42.56
N LEU A 73 -26.92 -14.17 41.37
CA LEU A 73 -26.97 -12.73 41.13
C LEU A 73 -28.39 -12.19 41.27
N ARG A 74 -29.36 -12.84 40.62
CA ARG A 74 -30.78 -12.43 40.75
C ARG A 74 -31.22 -12.41 42.21
N GLU A 75 -30.85 -13.46 42.95
CA GLU A 75 -31.14 -13.62 44.37
C GLU A 75 -30.57 -12.50 45.24
N LYS A 76 -29.39 -12.00 44.87
CA LYS A 76 -28.77 -10.90 45.59
C LYS A 76 -29.23 -9.54 45.06
N GLY A 77 -30.26 -9.55 44.22
CA GLY A 77 -30.94 -8.31 43.84
C GLY A 77 -30.48 -7.64 42.55
N ILE A 78 -29.64 -8.33 41.78
CA ILE A 78 -29.19 -7.78 40.49
C ILE A 78 -30.31 -7.88 39.45
N GLU A 79 -30.54 -6.78 38.72
CA GLU A 79 -31.66 -6.69 37.79
C GLU A 79 -31.24 -6.56 36.32
N ALA A 80 -29.98 -6.27 36.07
CA ALA A 80 -29.48 -6.15 34.71
C ALA A 80 -29.58 -7.48 33.96
N PRO A 81 -29.63 -7.42 32.62
CA PRO A 81 -29.65 -8.68 31.86
C PRO A 81 -28.39 -9.51 32.12
N ILE A 82 -28.56 -10.83 32.16
CA ILE A 82 -27.49 -11.79 32.38
C ILE A 82 -27.50 -12.88 31.30
N LEU A 83 -26.34 -13.09 30.68
CA LEU A 83 -26.14 -14.21 29.74
C LEU A 83 -25.38 -15.36 30.40
N VAL A 84 -25.92 -16.57 30.32
CA VAL A 84 -25.15 -17.77 30.62
C VAL A 84 -24.38 -18.14 29.35
N THR A 85 -23.05 -18.10 29.45
CA THR A 85 -22.18 -18.40 28.31
C THR A 85 -21.76 -19.85 28.22
N GLY A 86 -21.99 -20.63 29.27
CA GLY A 86 -21.67 -22.06 29.25
C GLY A 86 -22.87 -22.95 29.00
N ALA A 87 -22.69 -24.24 29.24
CA ALA A 87 -23.74 -25.24 28.97
C ALA A 87 -24.87 -25.20 29.99
N SER A 88 -26.08 -25.50 29.53
CA SER A 88 -27.23 -25.58 30.41
C SER A 88 -28.16 -26.72 30.02
N ARG A 89 -28.96 -27.18 30.96
CA ARG A 89 -29.94 -28.25 30.72
C ARG A 89 -31.21 -27.69 30.07
N PRO A 90 -31.65 -28.29 28.95
CA PRO A 90 -32.93 -27.94 28.29
C PRO A 90 -34.13 -27.85 29.27
N ALA A 91 -34.23 -28.81 30.17
CA ALA A 91 -35.20 -28.77 31.28
C ALA A 91 -35.15 -27.51 32.18
N ASP A 92 -34.05 -26.77 32.22
CA ASP A 92 -33.96 -25.58 33.11
C ASP A 92 -34.40 -24.30 32.41
N ALA A 93 -34.83 -24.48 31.16
CA ALA A 93 -35.31 -23.38 30.34
C ALA A 93 -36.38 -22.52 31.05
N ALA A 94 -37.37 -23.16 31.68
CA ALA A 94 -38.45 -22.46 32.40
C ALA A 94 -37.91 -21.59 33.53
N LEU A 95 -36.97 -22.17 34.27
CA LEU A 95 -36.26 -21.47 35.32
C LEU A 95 -35.51 -20.23 34.81
N ALA A 96 -34.73 -20.38 33.74
CA ALA A 96 -34.00 -19.23 33.20
C ALA A 96 -34.97 -18.15 32.72
N ALA A 97 -36.04 -18.56 32.03
CA ALA A 97 -37.04 -17.60 31.49
C ALA A 97 -37.73 -16.83 32.61
N GLN A 98 -38.22 -17.56 33.60
CA GLN A 98 -38.82 -16.97 34.79
C GLN A 98 -37.88 -15.95 35.46
N GLN A 99 -36.59 -16.26 35.47
CA GLN A 99 -35.61 -15.38 36.09
C GLN A 99 -34.99 -14.36 35.14
N ARG A 100 -35.49 -14.31 33.89
CA ARG A 100 -35.02 -13.35 32.87
C ARG A 100 -33.52 -13.47 32.66
N ILE A 101 -33.09 -14.71 32.50
CA ILE A 101 -31.71 -15.04 32.23
C ILE A 101 -31.60 -15.58 30.82
N ALA A 102 -30.70 -14.99 30.05
CA ALA A 102 -30.44 -15.45 28.70
C ALA A 102 -29.54 -16.70 28.66
N LEU A 103 -29.81 -17.57 27.70
CA LEU A 103 -29.07 -18.83 27.55
C LEU A 103 -28.40 -18.91 26.20
N THR A 104 -27.17 -19.44 26.20
CA THR A 104 -26.40 -19.70 24.98
C THR A 104 -26.76 -21.07 24.44
N VAL A 105 -27.00 -21.17 23.14
CA VAL A 105 -27.21 -22.49 22.53
C VAL A 105 -26.11 -22.83 21.54
N PHE A 106 -25.72 -24.11 21.56
CA PHE A 106 -24.53 -24.60 20.87
C PHE A 106 -24.88 -25.63 19.82
N ARG A 107 -26.09 -26.19 19.91
CA ARG A 107 -26.51 -27.33 19.10
C ARG A 107 -27.99 -27.21 18.85
N SER A 108 -28.42 -27.50 17.63
CA SER A 108 -29.84 -27.45 17.29
C SER A 108 -30.70 -28.46 18.06
N ASP A 109 -30.17 -29.63 18.39
CA ASP A 109 -31.02 -30.57 19.12
C ASP A 109 -31.15 -30.32 20.62
N TRP A 110 -30.24 -29.52 21.18
CA TRP A 110 -30.47 -28.90 22.50
C TRP A 110 -31.76 -28.06 22.42
N LEU A 111 -31.87 -27.23 21.38
CA LEU A 111 -33.07 -26.42 21.16
C LEU A 111 -34.31 -27.26 20.85
N GLU A 112 -34.15 -28.37 20.15
CA GLU A 112 -35.29 -29.26 19.90
C GLU A 112 -35.86 -29.81 21.20
N GLU A 113 -34.98 -30.27 22.09
CA GLU A 113 -35.35 -30.68 23.44
C GLU A 113 -36.01 -29.55 24.22
N ALA A 114 -35.41 -28.36 24.17
CA ALA A 114 -35.91 -27.23 24.92
C ALA A 114 -37.32 -26.88 24.47
N SER A 115 -37.52 -26.85 23.15
CA SER A 115 -38.82 -26.57 22.56
C SER A 115 -39.91 -27.58 22.96
N ALA A 116 -39.58 -28.87 22.93
CA ALA A 116 -40.50 -29.91 23.33
C ALA A 116 -40.91 -29.82 24.81
N LEU A 117 -39.96 -29.45 25.67
CA LEU A 117 -40.15 -29.45 27.12
C LEU A 117 -40.76 -28.18 27.69
N TYR A 118 -40.73 -27.08 26.93
CA TYR A 118 -41.19 -25.78 27.45
C TYR A 118 -42.32 -25.15 26.62
N SER A 119 -43.39 -24.76 27.30
CA SER A 119 -44.56 -24.14 26.61
C SER A 119 -44.90 -22.72 27.07
N GLY A 120 -44.54 -22.35 28.30
CA GLY A 120 -44.71 -20.97 28.77
C GLY A 120 -44.68 -20.85 30.28
N PRO A 121 -44.98 -19.64 30.81
CA PRO A 121 -45.47 -18.42 30.18
C PRO A 121 -44.44 -17.35 29.86
N PHE A 122 -43.24 -17.45 30.41
CA PHE A 122 -42.19 -16.46 30.11
C PHE A 122 -41.51 -16.71 28.76
N PRO A 123 -41.14 -15.62 28.06
CA PRO A 123 -40.21 -15.71 26.92
C PRO A 123 -38.80 -16.08 27.37
N ILE A 124 -38.09 -16.85 26.55
CA ILE A 124 -36.67 -17.14 26.80
C ILE A 124 -35.87 -16.48 25.72
N HIS A 125 -34.80 -15.80 26.12
CA HIS A 125 -33.85 -15.23 25.18
C HIS A 125 -32.66 -16.16 24.95
N PHE A 126 -32.39 -16.46 23.68
CA PHE A 126 -31.22 -17.27 23.33
C PHE A 126 -30.18 -16.47 22.57
N HIS A 127 -28.92 -16.84 22.80
CA HIS A 127 -27.80 -16.38 22.00
C HIS A 127 -27.19 -17.61 21.33
N LEU A 128 -26.88 -17.47 20.06
CA LEU A 128 -26.29 -18.55 19.31
C LEU A 128 -24.77 -18.42 19.33
N TYR A 129 -24.10 -19.46 19.81
CA TYR A 129 -22.65 -19.49 19.73
C TYR A 129 -22.20 -20.15 18.42
N MET A 130 -21.57 -19.39 17.54
CA MET A 130 -21.17 -19.92 16.24
C MET A 130 -19.78 -20.51 16.29
N ASP A 131 -19.61 -21.71 15.72
CA ASP A 131 -18.27 -22.28 15.57
C ASP A 131 -17.63 -21.62 14.34
N THR A 132 -16.56 -20.89 14.61
CA THR A 132 -16.06 -19.93 13.66
C THR A 132 -14.78 -20.46 13.03
N GLY A 133 -14.38 -21.66 13.44
CA GLY A 133 -13.16 -22.26 12.95
C GLY A 133 -12.66 -23.40 13.80
N MET A 134 -11.96 -23.07 14.89
CA MET A 134 -11.18 -24.08 15.62
C MET A 134 -11.68 -24.35 17.03
N GLY A 138 -19.52 -25.38 18.96
CA GLY A 138 -20.76 -24.63 18.64
C GLY A 138 -21.46 -25.00 17.33
N VAL A 139 -22.41 -24.18 16.89
CA VAL A 139 -23.13 -24.42 15.61
C VAL A 139 -22.24 -24.14 14.39
N LYS A 140 -22.28 -25.06 13.43
CA LYS A 140 -21.21 -25.15 12.44
C LYS A 140 -21.59 -25.00 10.95
N ASP A 141 -22.85 -25.25 10.60
CA ASP A 141 -23.28 -25.09 9.20
C ASP A 141 -24.59 -24.35 9.02
N GLU A 142 -24.95 -24.10 7.77
CA GLU A 142 -26.17 -23.38 7.39
C GLU A 142 -27.42 -24.17 7.73
N GLU A 143 -27.39 -25.48 7.54
CA GLU A 143 -28.58 -26.30 7.78
C GLU A 143 -28.98 -26.26 9.25
N GLU A 144 -27.99 -26.46 10.13
CA GLU A 144 -28.16 -26.37 11.56
C GLU A 144 -28.69 -24.98 12.00
N THR A 145 -28.10 -23.91 11.47
CA THR A 145 -28.55 -22.55 11.78
C THR A 145 -30.02 -22.33 11.40
N LYS A 146 -30.41 -22.79 10.21
CA LYS A 146 -31.76 -22.55 9.66
C LYS A 146 -32.79 -23.27 10.52
N ARG A 147 -32.44 -24.49 10.91
CA ARG A 147 -33.19 -25.30 11.86
C ARG A 147 -33.46 -24.52 13.15
N ILE A 148 -32.39 -24.00 13.74
CA ILE A 148 -32.46 -23.19 14.94
C ILE A 148 -33.40 -21.99 14.78
N VAL A 149 -33.25 -21.29 13.66
CA VAL A 149 -34.06 -20.12 13.33
C VAL A 149 -35.53 -20.51 13.17
N ALA A 150 -35.77 -21.67 12.59
CA ALA A 150 -37.13 -22.18 12.45
C ALA A 150 -37.75 -22.49 13.83
N LEU A 151 -36.96 -23.12 14.71
CA LEU A 151 -37.45 -23.49 16.03
C LEU A 151 -37.83 -22.27 16.83
N ILE A 152 -37.01 -21.22 16.71
CA ILE A 152 -37.24 -19.99 17.43
C ILE A 152 -38.48 -19.25 16.90
N GLU A 153 -38.62 -19.21 15.58
CA GLU A 153 -39.77 -18.55 14.97
C GLU A 153 -41.08 -19.30 15.23
N ARG A 154 -41.05 -20.63 15.18
CA ARG A 154 -42.22 -21.48 15.43
C ARG A 154 -42.70 -21.52 16.90
N HIS A 155 -41.79 -21.33 17.87
CA HIS A 155 -42.16 -21.32 19.29
C HIS A 155 -42.56 -19.91 19.75
N PRO A 156 -43.77 -19.76 20.30
CA PRO A 156 -44.33 -18.47 20.73
C PRO A 156 -43.50 -17.72 21.79
N HIS A 157 -42.80 -18.48 22.65
CA HIS A 157 -42.01 -17.88 23.73
C HIS A 157 -40.48 -17.83 23.50
N PHE A 158 -40.01 -18.37 22.39
CA PHE A 158 -38.57 -18.32 22.06
C PHE A 158 -38.20 -17.00 21.39
N VAL A 159 -37.02 -16.46 21.70
CA VAL A 159 -36.52 -15.23 21.09
C VAL A 159 -35.02 -15.37 20.81
N LEU A 160 -34.60 -15.02 19.60
CA LEU A 160 -33.18 -14.99 19.24
C LEU A 160 -32.59 -13.62 19.56
N GLU A 161 -31.97 -13.50 20.73
CA GLU A 161 -31.41 -12.23 21.22
C GLU A 161 -30.04 -11.89 20.67
N GLY A 162 -29.15 -12.87 20.59
CA GLY A 162 -27.77 -12.58 20.27
C GLY A 162 -27.08 -13.62 19.42
N LEU A 163 -25.97 -13.22 18.82
CA LEU A 163 -25.09 -14.15 18.13
C LEU A 163 -23.71 -13.83 18.64
N TRP A 164 -22.89 -14.84 18.90
CA TRP A 164 -21.52 -14.58 19.29
C TRP A 164 -20.58 -15.74 18.94
N THR A 165 -19.29 -15.47 19.10
CA THR A 165 -18.25 -16.44 18.84
C THR A 165 -16.97 -16.11 19.65
N TRP A 166 -15.98 -16.99 19.53
CA TRP A 166 -14.67 -16.81 20.14
C TRP A 166 -13.66 -16.87 19.00
N PHE A 167 -12.77 -15.89 18.93
CA PHE A 167 -11.81 -15.88 17.83
C PHE A 167 -10.50 -16.55 18.21
N TYR A 180 -9.95 -14.64 8.83
CA TYR A 180 -10.54 -15.86 8.27
C TYR A 180 -11.67 -16.45 9.11
N GLN A 181 -11.46 -16.57 10.42
CA GLN A 181 -12.53 -16.90 11.36
C GLN A 181 -13.56 -15.78 11.30
N TYR A 182 -13.06 -14.55 11.16
CA TYR A 182 -13.87 -13.35 11.03
C TYR A 182 -14.76 -13.40 9.79
N THR A 183 -14.16 -13.77 8.66
CA THR A 183 -14.92 -13.81 7.42
C THR A 183 -15.91 -14.96 7.46
N ARG A 184 -15.52 -16.08 8.07
CA ARG A 184 -16.47 -17.16 8.45
C ARG A 184 -17.63 -16.60 9.24
N PHE A 185 -17.34 -15.77 10.24
CA PHE A 185 -18.40 -15.21 11.07
C PHE A 185 -19.35 -14.32 10.25
N LEU A 186 -18.77 -13.50 9.37
CA LEU A 186 -19.57 -12.64 8.51
C LEU A 186 -20.55 -13.48 7.71
N HIS A 187 -20.04 -14.56 7.13
CA HIS A 187 -20.88 -15.50 6.40
C HIS A 187 -22.04 -16.03 7.24
N MET A 188 -21.71 -16.50 8.45
CA MET A 188 -22.69 -17.17 9.32
C MET A 188 -23.77 -16.20 9.72
N LEU A 189 -23.39 -14.95 9.94
CA LEU A 189 -24.32 -13.85 10.19
C LEU A 189 -25.35 -13.71 9.08
N GLU A 190 -24.90 -13.91 7.84
CA GLU A 190 -25.80 -13.83 6.68
C GLU A 190 -26.79 -14.98 6.57
N TRP A 191 -26.51 -16.11 7.21
CA TRP A 191 -27.47 -17.23 7.25
C TRP A 191 -28.78 -16.90 7.98
N LEU A 192 -28.79 -15.84 8.78
CA LEU A 192 -30.00 -15.49 9.52
C LEU A 192 -30.90 -14.57 8.70
N PRO A 193 -32.22 -14.75 8.82
CA PRO A 193 -33.23 -13.91 8.17
C PRO A 193 -33.03 -12.43 8.47
N SER A 194 -32.69 -12.11 9.72
CA SER A 194 -32.32 -10.75 10.11
C SER A 194 -31.20 -10.78 11.15
N ARG A 195 -30.61 -9.63 11.37
CA ARG A 195 -29.58 -9.44 12.39
C ARG A 195 -30.24 -9.44 13.77
N PRO A 196 -29.66 -10.20 14.74
CA PRO A 196 -30.20 -10.27 16.09
C PRO A 196 -29.93 -8.97 16.83
N PRO A 197 -30.71 -8.66 17.88
CA PRO A 197 -30.48 -7.41 18.62
C PRO A 197 -29.02 -7.19 19.01
N LEU A 198 -28.33 -8.28 19.34
CA LEU A 198 -26.93 -8.24 19.84
C LEU A 198 -25.97 -9.18 19.13
N VAL A 199 -24.83 -8.65 18.70
CA VAL A 199 -23.80 -9.42 18.04
C VAL A 199 -22.50 -9.01 18.70
N PHE A 200 -21.70 -9.99 19.11
CA PHE A 200 -20.42 -9.73 19.80
C PHE A 200 -19.47 -10.91 19.70
N CYS A 201 -18.23 -10.73 20.14
CA CYS A 201 -17.34 -11.87 20.35
C CYS A 201 -16.81 -11.89 21.77
N ALA A 202 -16.41 -13.09 22.21
CA ALA A 202 -16.17 -13.35 23.64
C ALA A 202 -14.80 -12.96 24.12
N ASN A 203 -13.77 -13.37 23.38
CA ASN A 203 -12.40 -13.11 23.83
C ASN A 203 -12.05 -11.63 23.69
N SER A 204 -11.28 -11.13 24.67
CA SER A 204 -10.74 -9.77 24.72
C SER A 204 -10.03 -9.55 26.05
N LEU A 208 -11.04 -9.68 21.13
CA LEU A 208 -11.14 -8.34 20.52
C LEU A 208 -11.80 -7.26 21.41
N ARG A 209 -10.95 -6.49 22.07
CA ARG A 209 -11.35 -5.21 22.65
C ARG A 209 -10.42 -4.16 22.05
N ARG A 213 -14.68 -2.52 15.13
CA ARG A 213 -15.62 -3.13 14.20
C ARG A 213 -17.00 -3.14 14.78
N THR A 214 -17.91 -3.86 14.16
CA THR A 214 -19.28 -3.94 14.61
C THR A 214 -20.04 -5.22 14.22
N PHE A 215 -20.67 -5.93 15.16
CA PHE A 215 -20.46 -5.88 16.63
C PHE A 215 -20.98 -4.76 17.52
N ASN A 216 -22.13 -4.93 18.12
CA ASN A 216 -22.63 -3.88 18.96
C ASN A 216 -22.53 -4.12 20.47
N MET A 217 -21.72 -5.07 20.88
CA MET A 217 -21.43 -5.33 22.30
C MET A 217 -19.97 -5.82 22.39
N VAL A 218 -19.26 -5.44 23.44
CA VAL A 218 -17.96 -6.05 23.70
C VAL A 218 -17.90 -6.71 25.07
N GLN A 219 -17.02 -7.70 25.15
CA GLN A 219 -16.80 -8.44 26.36
C GLN A 219 -15.59 -7.85 27.08
N PHE A 220 -15.86 -7.09 28.14
CA PHE A 220 -14.84 -6.71 29.12
C PHE A 220 -14.69 -7.88 30.10
N GLY A 221 -13.85 -8.82 29.72
CA GLY A 221 -13.59 -9.98 30.54
C GLY A 221 -12.59 -9.62 31.61
N ILE A 222 -11.45 -10.29 31.57
CA ILE A 222 -10.45 -10.21 32.62
C ILE A 222 -9.84 -8.81 32.76
N ALA A 223 -9.99 -8.01 31.70
CA ALA A 223 -9.34 -6.69 31.68
C ALA A 223 -10.02 -5.68 32.61
N MET A 224 -11.29 -5.90 32.93
CA MET A 224 -12.03 -5.13 33.93
C MET A 224 -11.34 -5.22 35.32
N TYR A 225 -10.65 -6.30 35.55
CA TYR A 225 -9.97 -6.53 36.79
C TYR A 225 -8.54 -6.09 36.76
N GLY A 226 -8.07 -5.59 35.65
CA GLY A 226 -6.77 -4.99 35.64
C GLY A 226 -5.76 -6.02 35.25
N LEU A 227 -6.22 -7.02 34.55
CA LEU A 227 -5.37 -8.12 34.20
C LEU A 227 -5.35 -8.26 32.71
N ALA A 228 -4.21 -8.63 32.19
CA ALA A 228 -4.06 -8.80 30.77
C ALA A 228 -4.25 -10.24 30.39
N TYR A 239 -5.29 0.93 29.64
CA TYR A 239 -4.84 2.17 29.02
C TYR A 239 -4.87 3.35 30.01
N PRO A 240 -4.20 3.21 31.18
CA PRO A 240 -3.60 2.01 31.78
C PRO A 240 -4.54 1.40 32.84
N LEU A 241 -4.71 0.08 32.79
CA LEU A 241 -5.69 -0.62 33.66
C LEU A 241 -5.23 -0.78 35.11
N LYS A 242 -6.14 -0.49 36.04
CA LYS A 242 -5.89 -0.60 37.48
C LYS A 242 -6.23 -1.99 38.02
N GLU A 243 -5.27 -2.60 38.72
CA GLU A 243 -5.46 -3.89 39.37
C GLU A 243 -6.37 -3.72 40.58
N ALA A 244 -7.21 -4.72 40.86
CA ALA A 244 -8.27 -4.59 41.87
C ALA A 244 -8.15 -5.47 43.11
N PHE A 245 -7.22 -6.40 43.12
CA PHE A 245 -7.21 -7.47 44.11
C PHE A 245 -5.90 -7.49 44.88
N SER A 246 -5.99 -7.36 46.21
CA SER A 246 -4.87 -7.53 47.14
C SER A 246 -5.14 -8.64 48.14
N LEU A 247 -4.06 -9.29 48.59
CA LEU A 247 -4.14 -10.32 49.61
C LEU A 247 -3.06 -10.11 50.69
N HIS A 248 -3.49 -10.16 51.95
CA HIS A 248 -2.66 -9.78 53.10
C HIS A 248 -2.79 -10.73 54.28
N SER A 249 -1.72 -10.76 55.08
CA SER A 249 -1.76 -11.43 56.36
C SER A 249 -0.95 -10.68 57.41
N ARG A 250 -0.87 -11.24 58.62
CA ARG A 250 -0.05 -10.67 59.70
C ARG A 250 0.83 -11.73 60.33
N LEU A 251 2.03 -11.36 60.77
CA LEU A 251 2.87 -12.30 61.48
C LEU A 251 2.17 -12.66 62.78
N VAL A 252 2.26 -13.92 63.13
CA VAL A 252 1.51 -14.42 64.27
C VAL A 252 2.42 -15.13 65.30
N HIS A 253 3.66 -15.34 64.89
CA HIS A 253 4.74 -15.86 65.73
C HIS A 253 6.03 -15.48 65.04
N VAL A 254 7.04 -15.12 65.84
CA VAL A 254 8.37 -14.79 65.32
C VAL A 254 9.43 -15.52 66.18
N LYS A 255 10.44 -16.08 65.52
CA LYS A 255 11.42 -16.98 66.14
C LYS A 255 12.82 -16.79 65.55
N LYS A 256 13.82 -16.64 66.42
CA LYS A 256 15.21 -16.55 65.97
C LYS A 256 15.78 -17.98 65.91
N LEU A 257 16.35 -18.34 64.76
CA LEU A 257 16.94 -19.66 64.59
C LEU A 257 18.46 -19.51 64.61
N GLN A 258 19.13 -20.40 65.35
CA GLN A 258 20.59 -20.45 65.38
C GLN A 258 21.11 -21.31 64.24
N PRO A 259 22.34 -21.05 63.78
CA PRO A 259 22.90 -21.89 62.73
C PRO A 259 22.74 -23.38 63.07
N GLY A 260 22.14 -24.14 62.16
CA GLY A 260 21.94 -25.56 62.38
C GLY A 260 20.56 -25.95 62.92
N GLU A 261 19.82 -25.00 63.52
CA GLU A 261 18.45 -25.26 64.00
C GLU A 261 17.50 -25.67 62.85
N LYS A 262 16.66 -26.66 63.14
CA LYS A 262 15.72 -27.19 62.17
C LYS A 262 14.26 -26.84 62.52
N VAL A 263 13.47 -26.68 61.47
CA VAL A 263 12.01 -26.70 61.61
C VAL A 263 11.47 -27.82 60.72
N SER A 264 10.72 -28.74 61.31
CA SER A 264 10.13 -29.82 60.53
C SER A 264 8.63 -29.93 60.72
N TYR A 265 7.93 -29.65 59.63
CA TYR A 265 6.51 -29.92 59.49
C TYR A 265 6.37 -30.54 58.11
N GLY A 266 6.61 -31.85 58.03
CA GLY A 266 6.73 -32.55 56.75
C GLY A 266 8.15 -32.63 56.23
N ALA A 267 8.71 -31.51 55.78
CA ALA A 267 9.93 -31.49 54.94
C ALA A 267 11.30 -31.37 55.64
N THR A 268 11.44 -30.38 56.52
CA THR A 268 12.72 -30.00 57.19
C THR A 268 13.44 -28.83 56.50
N TYR A 269 13.41 -27.70 57.20
CA TYR A 269 14.16 -26.51 56.89
C TYR A 269 15.34 -26.45 57.86
N THR A 270 16.56 -26.40 57.32
CA THR A 270 17.74 -26.32 58.17
C THR A 270 18.43 -24.95 58.03
N ALA A 271 18.33 -24.15 59.09
CA ALA A 271 18.98 -22.84 59.12
C ALA A 271 20.49 -22.95 58.87
N GLN A 272 20.96 -22.23 57.85
CA GLN A 272 22.38 -22.13 57.54
C GLN A 272 23.09 -21.08 58.38
N THR A 273 22.38 -20.04 58.81
CA THR A 273 22.91 -18.97 59.68
C THR A 273 21.90 -18.63 60.78
N GLU A 274 22.26 -17.67 61.62
CA GLU A 274 21.33 -17.00 62.50
C GLU A 274 20.32 -16.20 61.67
N GLU A 275 19.03 -16.38 61.94
CA GLU A 275 17.99 -15.76 61.11
C GLU A 275 16.64 -15.79 61.82
N TRP A 276 15.70 -15.01 61.30
CA TRP A 276 14.39 -14.87 61.90
C TRP A 276 13.29 -15.47 61.03
N ILE A 277 12.45 -16.29 61.66
CA ILE A 277 11.33 -16.97 61.04
C ILE A 277 10.00 -16.44 61.60
N GLY A 278 9.13 -15.96 60.70
CA GLY A 278 7.77 -15.58 61.07
C GLY A 278 6.74 -16.56 60.51
N THR A 279 5.65 -16.73 61.23
CA THR A 279 4.55 -17.61 60.81
C THR A 279 3.38 -16.70 60.45
N ILE A 280 2.68 -17.01 59.36
CA ILE A 280 1.45 -16.31 59.01
C ILE A 280 0.27 -17.30 58.86
N PRO A 281 -0.94 -16.90 59.27
CA PRO A 281 -2.09 -17.81 59.24
C PRO A 281 -2.76 -17.86 57.87
N ILE A 282 -2.02 -18.36 56.88
CA ILE A 282 -2.57 -18.69 55.57
C ILE A 282 -1.88 -19.97 55.09
N GLY A 283 -2.65 -20.78 54.37
CA GLY A 283 -2.16 -22.09 53.97
C GLY A 283 -2.79 -22.49 52.68
N TYR A 284 -2.53 -23.73 52.29
CA TYR A 284 -3.02 -24.23 51.02
C TYR A 284 -4.53 -24.39 50.98
N LYS A 285 -5.14 -24.53 52.15
CA LYS A 285 -6.59 -24.61 52.19
C LYS A 285 -7.20 -23.28 51.80
N ASP A 286 -6.45 -22.19 51.97
CA ASP A 286 -6.91 -20.85 51.57
C ASP A 286 -6.68 -20.57 50.08
N GLY A 287 -6.14 -21.54 49.38
CA GLY A 287 -5.78 -21.37 47.98
C GLY A 287 -4.37 -20.84 47.86
N TRP A 288 -3.68 -20.75 48.99
CA TRP A 288 -2.28 -20.37 48.98
C TRP A 288 -1.46 -21.65 48.84
N LEU A 289 -1.35 -22.09 47.59
CA LEU A 289 -0.93 -23.45 47.25
C LEU A 289 0.50 -23.83 47.65
N ARG A 290 0.71 -25.11 47.94
CA ARG A 290 2.05 -25.65 48.28
C ARG A 290 3.14 -25.19 47.32
N ARG A 291 2.76 -25.00 46.06
CA ARG A 291 3.66 -24.61 44.99
C ARG A 291 4.17 -23.17 45.11
N LEU A 292 3.60 -22.38 46.02
CA LEU A 292 4.12 -21.02 46.25
C LEU A 292 5.20 -21.04 47.33
N GLN A 293 5.72 -22.22 47.62
CA GLN A 293 6.76 -22.42 48.61
C GLN A 293 7.84 -21.73 47.76
N HIS A 294 8.73 -20.98 48.40
CA HIS A 294 9.78 -20.24 47.69
C HIS A 294 9.43 -18.78 47.35
N PHE A 295 8.23 -18.56 46.82
CA PHE A 295 7.81 -17.27 46.33
C PHE A 295 8.21 -16.23 47.36
N HIS A 296 8.26 -14.97 46.96
CA HIS A 296 8.72 -13.88 47.81
C HIS A 296 7.59 -12.92 48.11
N VAL A 297 7.22 -12.84 49.39
CA VAL A 297 6.14 -11.93 49.85
C VAL A 297 6.77 -10.64 50.34
N LEU A 298 5.93 -9.66 50.71
CA LEU A 298 6.40 -8.38 51.26
C LEU A 298 6.10 -8.23 52.75
N VAL A 299 7.16 -8.07 53.54
CA VAL A 299 7.07 -7.74 54.97
C VAL A 299 8.00 -6.57 55.24
N ASP A 300 7.48 -5.50 55.84
CA ASP A 300 8.29 -4.35 56.21
C ASP A 300 9.01 -3.76 55.01
N GLY A 301 8.33 -3.72 53.86
CA GLY A 301 8.87 -3.16 52.63
C GLY A 301 9.89 -4.00 51.90
N GLN A 302 10.17 -5.20 52.42
CA GLN A 302 11.21 -6.09 51.89
C GLN A 302 10.61 -7.36 51.32
N LYS A 303 11.24 -7.90 50.29
CA LYS A 303 10.91 -9.23 49.80
C LYS A 303 11.45 -10.27 50.77
N ALA A 304 10.66 -11.28 51.10
CA ALA A 304 11.07 -12.33 52.03
C ALA A 304 10.56 -13.67 51.50
N PRO A 305 11.38 -14.72 51.61
CA PRO A 305 10.95 -15.95 50.95
C PRO A 305 10.02 -16.83 51.82
N ILE A 306 9.04 -17.45 51.17
CA ILE A 306 8.22 -18.43 51.86
C ILE A 306 9.11 -19.65 51.94
N VAL A 307 9.28 -20.17 53.14
CA VAL A 307 10.33 -21.13 53.41
C VAL A 307 9.71 -22.39 53.96
N GLY A 308 10.35 -23.54 53.75
CA GLY A 308 9.74 -24.82 54.15
C GLY A 308 8.43 -25.12 53.42
N ARG A 309 7.80 -26.25 53.75
CA ARG A 309 6.55 -26.65 53.09
C ARG A 309 5.36 -25.75 53.46
N ILE A 310 4.56 -25.40 52.46
CA ILE A 310 3.28 -24.78 52.74
C ILE A 310 2.32 -25.82 53.32
N LEU A 311 1.91 -25.57 54.57
CA LEU A 311 0.97 -26.40 55.32
C LEU A 311 -0.49 -25.92 55.14
N MET A 312 -1.45 -26.68 55.66
CA MET A 312 -2.87 -26.47 55.34
C MET A 312 -3.34 -25.07 55.75
N ASP A 313 -2.83 -24.62 56.90
CA ASP A 313 -3.31 -23.42 57.54
C ASP A 313 -2.28 -22.34 57.88
N MET A 314 -1.01 -22.71 58.02
CA MET A 314 0.05 -21.73 58.31
C MET A 314 1.24 -21.89 57.36
N CYS A 315 2.05 -20.84 57.21
CA CYS A 315 3.34 -20.96 56.49
C CYS A 315 4.42 -20.00 57.01
N MET A 316 5.66 -20.39 56.81
CA MET A 316 6.76 -19.61 57.40
C MET A 316 7.54 -18.80 56.39
N ILE A 317 7.86 -17.57 56.76
CA ILE A 317 8.77 -16.78 55.94
C ILE A 317 10.05 -16.43 56.67
N ARG A 318 11.16 -16.40 55.92
CA ARG A 318 12.39 -15.93 56.55
C ARG A 318 12.40 -14.42 56.44
N LEU A 319 12.47 -13.79 57.61
CA LEU A 319 12.24 -12.38 57.78
C LEU A 319 13.49 -11.58 57.46
N PRO A 320 13.30 -10.33 56.97
CA PRO A 320 14.44 -9.45 56.69
C PRO A 320 15.26 -9.11 57.93
N GLY A 321 14.69 -9.34 59.11
CA GLY A 321 15.34 -9.13 60.40
C GLY A 321 14.29 -9.39 61.48
N PRO A 322 14.61 -9.08 62.76
CA PRO A 322 13.61 -9.26 63.83
C PRO A 322 12.40 -8.35 63.61
N LEU A 323 11.20 -8.87 63.84
CA LEU A 323 9.97 -8.09 63.64
C LEU A 323 8.93 -8.50 64.69
N PRO A 324 8.11 -7.55 65.15
CA PRO A 324 7.06 -7.86 66.12
C PRO A 324 5.92 -8.60 65.46
N VAL A 325 5.30 -9.54 66.19
CA VAL A 325 4.08 -10.15 65.72
C VAL A 325 3.06 -9.04 65.45
N GLY A 326 2.21 -9.24 64.44
CA GLY A 326 1.24 -8.21 64.05
C GLY A 326 1.68 -7.41 62.84
N THR A 327 2.93 -7.58 62.43
CA THR A 327 3.48 -6.92 61.24
C THR A 327 2.76 -7.45 60.01
N LYS A 328 2.29 -6.52 59.17
CA LYS A 328 1.57 -6.88 57.96
C LYS A 328 2.45 -7.58 56.93
N VAL A 329 1.91 -8.65 56.35
CA VAL A 329 2.56 -9.34 55.25
C VAL A 329 1.67 -9.21 54.03
N THR A 330 2.22 -8.73 52.93
CA THR A 330 1.44 -8.57 51.71
C THR A 330 1.81 -9.64 50.70
N LEU A 331 0.85 -10.48 50.38
CA LEU A 331 1.09 -11.60 49.45
C LEU A 331 0.94 -11.11 48.01
N ILE A 332 -0.01 -10.21 47.80
CA ILE A 332 -0.26 -9.55 46.53
C ILE A 332 -0.68 -8.14 46.88
N GLY A 333 -0.02 -7.16 46.28
CA GLY A 333 -0.28 -5.74 46.54
C GLY A 333 0.99 -4.94 46.75
N ARG A 334 0.86 -3.75 47.34
CA ARG A 334 1.96 -2.80 47.42
C ARG A 334 2.39 -2.55 48.86
N GLN A 335 3.69 -2.51 49.07
CA GLN A 335 4.26 -2.18 50.36
C GLN A 335 5.52 -1.35 50.15
N GLY A 336 5.39 -0.03 50.36
CA GLY A 336 6.49 0.92 50.15
C GLY A 336 6.76 1.14 48.66
N ASP A 337 8.01 0.97 48.26
CA ASP A 337 8.36 1.02 46.86
C ASP A 337 7.96 -0.25 46.10
N LYS A 338 7.96 -1.38 46.79
CA LYS A 338 7.71 -2.67 46.15
C LYS A 338 6.23 -2.99 45.88
N VAL A 339 6.02 -3.80 44.86
CA VAL A 339 4.69 -4.29 44.51
C VAL A 339 4.79 -5.73 44.01
N ILE A 340 3.92 -6.61 44.53
CA ILE A 340 3.73 -7.94 43.96
C ILE A 340 2.38 -7.94 43.23
N SER A 341 2.37 -8.37 41.98
CA SER A 341 1.10 -8.38 41.22
C SER A 341 0.60 -9.81 41.01
N ILE A 342 -0.65 -9.96 40.58
CA ILE A 342 -1.21 -11.27 40.21
C ILE A 342 -0.29 -11.97 39.20
N ASP A 343 0.22 -11.20 38.24
CA ASP A 343 1.12 -11.76 37.23
C ASP A 343 2.32 -12.46 37.82
N ASP A 344 2.92 -11.85 38.85
CA ASP A 344 4.05 -12.42 39.58
C ASP A 344 3.72 -13.77 40.20
N VAL A 345 2.56 -13.88 40.84
CA VAL A 345 2.11 -15.14 41.45
C VAL A 345 1.87 -16.21 40.37
N ALA A 346 1.24 -15.80 39.26
CA ALA A 346 1.00 -16.67 38.10
C ALA A 346 2.29 -17.26 37.53
N ARG A 347 3.31 -16.42 37.38
CA ARG A 347 4.61 -16.88 36.91
C ARG A 347 5.24 -17.92 37.84
N HIS A 348 5.31 -17.65 39.13
CA HIS A 348 5.86 -18.62 40.07
C HIS A 348 5.10 -19.94 39.98
N LEU A 349 3.77 -19.85 39.85
CA LEU A 349 2.95 -21.06 39.76
C LEU A 349 2.96 -21.71 38.36
N GLU A 350 3.34 -20.95 37.34
CA GLU A 350 3.31 -21.41 35.94
C GLU A 350 1.86 -21.59 35.48
N THR A 351 1.07 -20.53 35.59
CA THR A 351 -0.31 -20.54 35.15
C THR A 351 -0.61 -19.19 34.61
N ILE A 352 -1.83 -19.01 34.12
CA ILE A 352 -2.23 -17.67 33.73
C ILE A 352 -2.82 -16.92 34.94
N ASN A 353 -2.76 -15.60 34.84
CA ASN A 353 -3.18 -14.72 35.91
C ASN A 353 -4.61 -14.94 36.37
N TYR A 354 -5.49 -15.35 35.46
CA TYR A 354 -6.90 -15.64 35.77
C TYR A 354 -7.05 -16.54 37.01
N GLU A 355 -6.28 -17.63 37.00
CA GLU A 355 -6.38 -18.70 37.98
C GLU A 355 -6.09 -18.25 39.43
N VAL A 356 -5.26 -17.21 39.58
CA VAL A 356 -4.80 -16.82 40.92
C VAL A 356 -5.90 -16.27 41.85
N PRO A 357 -6.60 -15.19 41.44
CA PRO A 357 -7.68 -14.71 42.37
C PRO A 357 -8.82 -15.72 42.50
N CYS A 358 -9.05 -16.50 41.45
CA CYS A 358 -10.06 -17.54 41.44
C CYS A 358 -9.78 -18.65 42.44
N THR A 359 -8.51 -18.84 42.81
CA THR A 359 -8.14 -19.98 43.64
C THR A 359 -8.18 -19.59 45.12
N ILE A 360 -8.12 -18.29 45.38
CA ILE A 360 -8.22 -17.83 46.74
C ILE A 360 -9.57 -18.19 47.33
N SER A 361 -9.56 -19.00 48.37
CA SER A 361 -10.78 -19.61 48.81
C SER A 361 -11.80 -18.66 49.48
N TYR A 362 -13.04 -19.08 49.38
CA TYR A 362 -14.19 -18.42 49.98
C TYR A 362 -13.98 -18.15 51.47
N ARG A 363 -13.14 -18.92 52.14
CA ARG A 363 -12.92 -18.65 53.57
C ARG A 363 -12.03 -17.43 53.85
N VAL A 364 -11.44 -16.85 52.81
CA VAL A 364 -10.71 -15.60 52.96
C VAL A 364 -11.70 -14.42 52.85
N PRO A 365 -11.84 -13.62 53.92
CA PRO A 365 -12.72 -12.45 53.85
C PRO A 365 -12.25 -11.50 52.76
N ARG A 366 -13.20 -10.81 52.11
CA ARG A 366 -12.87 -9.74 51.19
C ARG A 366 -13.38 -8.43 51.79
N ILE A 367 -12.49 -7.43 51.80
CA ILE A 367 -12.81 -6.08 52.23
C ILE A 367 -12.97 -5.26 50.98
N PHE A 368 -14.15 -4.69 50.79
CA PHE A 368 -14.43 -3.91 49.59
C PHE A 368 -14.27 -2.43 49.85
N PHE A 369 -13.46 -1.78 49.02
CA PHE A 369 -13.26 -0.35 49.11
C PHE A 369 -13.95 0.36 47.93
N ARG A 370 -14.73 1.38 48.26
CA ARG A 370 -15.40 2.21 47.26
C ARG A 370 -15.36 3.67 47.71
N HIS A 371 -14.98 4.56 46.80
CA HIS A 371 -14.80 5.98 47.09
C HIS A 371 -13.71 6.18 48.15
N LYS A 372 -12.57 5.50 47.91
CA LYS A 372 -11.41 5.50 48.80
C LYS A 372 -11.66 5.06 50.25
N ARG A 373 -12.91 4.77 50.58
CA ARG A 373 -13.26 4.30 51.92
C ARG A 373 -13.87 2.87 51.89
N ILE A 374 -14.09 2.30 53.07
CA ILE A 374 -14.49 0.90 53.18
C ILE A 374 -16.01 0.69 53.10
N MET A 375 -16.42 -0.04 52.07
CA MET A 375 -17.83 -0.17 51.73
C MET A 375 -18.43 -1.33 52.49
N GLU A 376 -17.79 -2.49 52.45
CA GLU A 376 -18.27 -3.64 53.23
C GLU A 376 -17.24 -4.73 53.37
N VAL A 377 -17.58 -5.72 54.19
CA VAL A 377 -16.75 -6.87 54.42
C VAL A 377 -17.61 -8.13 54.21
N ARG A 378 -17.17 -9.01 53.32
CA ARG A 378 -17.84 -10.29 53.07
C ARG A 378 -16.95 -11.41 53.68
N ASN A 379 -17.38 -11.95 54.81
CA ASN A 379 -16.82 -13.17 55.37
C ASN A 379 -17.82 -14.28 55.10
N ALA A 380 -17.57 -15.05 54.04
CA ALA A 380 -18.49 -16.11 53.60
C ALA A 380 -18.77 -17.13 54.70
N ILE A 381 -17.96 -17.10 55.76
CA ILE A 381 -18.12 -18.02 56.87
C ILE A 381 -18.67 -17.31 58.10
N GLY A 382 -19.66 -16.45 57.88
CA GLY A 382 -20.27 -15.71 58.97
C GLY A 382 -19.37 -15.62 60.19
N MET B 1 18.21 -8.88 -32.88
CA MET B 1 19.27 -7.83 -32.90
C MET B 1 18.76 -6.52 -32.29
N ASN B 2 18.55 -6.52 -30.97
CA ASN B 2 18.02 -5.35 -30.24
C ASN B 2 19.01 -4.72 -29.24
N ASP B 3 19.96 -3.94 -29.77
CA ASP B 3 20.98 -3.28 -28.97
C ASP B 3 20.41 -1.94 -28.49
N PHE B 4 21.13 -1.30 -27.56
CA PHE B 4 20.82 0.05 -27.14
C PHE B 4 22.12 0.83 -27.03
N HIS B 5 22.04 2.17 -27.04
CA HIS B 5 23.27 2.94 -27.22
C HIS B 5 23.48 4.06 -26.21
N ARG B 6 22.84 3.91 -25.04
CA ARG B 6 23.11 4.74 -23.88
C ARG B 6 23.29 3.80 -22.71
N ASP B 7 24.27 4.10 -21.86
CA ASP B 7 24.61 3.25 -20.71
C ASP B 7 23.66 3.35 -19.50
N THR B 8 22.37 3.16 -19.77
CA THR B 8 21.35 3.15 -18.74
C THR B 8 20.32 2.07 -19.10
N TRP B 9 20.00 1.21 -18.16
CA TRP B 9 19.10 0.09 -18.43
C TRP B 9 18.46 -0.48 -17.17
N ALA B 10 17.33 -1.16 -17.33
CA ALA B 10 16.69 -1.89 -16.25
C ALA B 10 16.96 -3.36 -16.49
N GLU B 11 17.08 -4.13 -15.42
CA GLU B 11 17.07 -5.58 -15.56
C GLU B 11 15.81 -6.13 -14.91
N VAL B 12 15.18 -7.10 -15.59
CA VAL B 12 14.00 -7.74 -15.07
C VAL B 12 14.29 -9.21 -14.91
N ASP B 13 14.24 -9.68 -13.68
CA ASP B 13 14.50 -11.09 -13.39
C ASP B 13 13.22 -11.89 -13.50
N LEU B 14 13.06 -12.60 -14.61
CA LEU B 14 11.84 -13.40 -14.82
C LEU B 14 11.77 -14.63 -13.91
N ASP B 15 12.91 -15.07 -13.38
CA ASP B 15 12.93 -16.17 -12.40
C ASP B 15 12.27 -15.77 -11.08
N ALA B 16 12.48 -14.52 -10.67
CA ALA B 16 11.74 -13.94 -9.55
C ALA B 16 10.23 -13.97 -9.80
N ILE B 17 9.81 -13.59 -11.00
CA ILE B 17 8.39 -13.68 -11.34
C ILE B 17 7.92 -15.12 -11.28
N TYR B 18 8.68 -16.01 -11.90
CA TYR B 18 8.37 -17.43 -11.90
C TYR B 18 8.21 -17.99 -10.48
N ASP B 19 9.17 -17.71 -9.61
CA ASP B 19 9.13 -18.20 -8.22
C ASP B 19 7.96 -17.64 -7.43
N ASN B 20 7.82 -16.31 -7.42
CA ASN B 20 6.73 -15.63 -6.73
C ASN B 20 5.37 -16.25 -7.08
N VAL B 21 5.13 -16.52 -8.36
CA VAL B 21 3.89 -17.14 -8.81
C VAL B 21 3.83 -18.62 -8.41
N GLU B 22 4.94 -19.35 -8.61
CA GLU B 22 4.98 -20.77 -8.28
C GLU B 22 4.73 -21.01 -6.81
N ASN B 23 5.22 -20.10 -5.96
CA ASN B 23 4.87 -20.07 -4.55
C ASN B 23 3.38 -20.01 -4.28
N LEU B 24 2.71 -19.01 -4.88
CA LEU B 24 1.26 -18.83 -4.73
C LEU B 24 0.48 -20.02 -5.28
N ARG B 25 0.89 -20.53 -6.44
CA ARG B 25 0.23 -21.67 -7.07
C ARG B 25 0.35 -22.93 -6.19
N ARG B 26 1.43 -23.02 -5.42
CA ARG B 26 1.62 -24.12 -4.46
C ARG B 26 0.71 -23.91 -3.24
N LEU B 27 0.77 -22.69 -2.69
CA LEU B 27 0.07 -22.29 -1.47
C LEU B 27 -1.47 -22.18 -1.56
N LEU B 28 -2.02 -22.29 -2.76
CA LEU B 28 -3.47 -22.19 -2.93
C LEU B 28 -4.09 -23.56 -3.24
N PRO B 29 -5.39 -23.73 -2.89
CA PRO B 29 -6.11 -24.95 -3.26
C PRO B 29 -6.16 -25.14 -4.78
N ASP B 30 -6.23 -26.38 -5.23
CA ASP B 30 -6.17 -26.69 -6.66
C ASP B 30 -7.39 -26.21 -7.47
N ASP B 31 -8.42 -25.75 -6.77
CA ASP B 31 -9.68 -25.33 -7.41
C ASP B 31 -9.79 -23.81 -7.60
N THR B 32 -8.86 -23.06 -7.00
CA THR B 32 -8.84 -21.60 -7.13
C THR B 32 -7.87 -21.15 -8.24
N HIS B 33 -8.37 -20.36 -9.19
CA HIS B 33 -7.57 -19.85 -10.32
C HIS B 33 -6.68 -18.67 -9.88
N ILE B 34 -5.61 -18.43 -10.66
CA ILE B 34 -4.73 -17.29 -10.43
C ILE B 34 -4.82 -16.36 -11.63
N MET B 35 -5.21 -15.12 -11.37
CA MET B 35 -5.14 -14.08 -12.38
C MET B 35 -3.89 -13.23 -12.13
N ALA B 36 -3.06 -13.08 -13.16
CA ALA B 36 -1.90 -12.22 -13.07
C ALA B 36 -2.22 -10.85 -13.65
N SER B 37 -1.96 -9.82 -12.86
CA SER B 37 -2.22 -8.45 -13.25
C SER B 37 -1.01 -7.90 -14.03
N VAL B 38 -1.19 -7.56 -15.31
CA VAL B 38 -0.08 -7.04 -16.12
C VAL B 38 -0.42 -5.70 -16.75
N CYS B 39 -1.29 -4.94 -16.09
CA CYS B 39 -1.60 -3.59 -16.54
C CYS B 39 -0.36 -2.71 -16.46
N GLY B 40 -0.34 -1.63 -17.25
CA GLY B 40 0.77 -0.70 -17.27
C GLY B 40 2.07 -1.36 -17.70
N ASN B 41 2.04 -2.08 -18.82
CA ASN B 41 3.21 -2.84 -19.28
C ASN B 41 3.83 -3.69 -18.15
N ALA B 42 2.99 -4.50 -17.49
CA ALA B 42 3.38 -5.31 -16.34
C ALA B 42 4.13 -4.48 -15.29
N TYR B 43 3.50 -3.36 -14.91
CA TYR B 43 4.05 -2.38 -13.96
C TYR B 43 5.48 -2.00 -14.35
N GLY B 44 5.69 -1.79 -15.64
CA GLY B 44 6.98 -1.32 -16.14
C GLY B 44 8.03 -2.40 -16.25
N HIS B 45 7.61 -3.65 -15.99
CA HIS B 45 8.50 -4.80 -16.09
C HIS B 45 8.52 -5.44 -17.48
N GLY B 46 7.51 -5.17 -18.31
CA GLY B 46 7.39 -5.82 -19.64
C GLY B 46 6.21 -6.77 -19.73
N ASP B 47 5.14 -6.29 -20.35
CA ASP B 47 3.85 -6.97 -20.39
C ASP B 47 3.94 -8.42 -20.87
N VAL B 48 4.46 -8.65 -22.06
CA VAL B 48 4.47 -10.00 -22.62
C VAL B 48 5.48 -10.90 -21.89
N GLN B 49 6.61 -10.34 -21.50
CA GLN B 49 7.63 -11.15 -20.81
C GLN B 49 7.09 -11.62 -19.46
N VAL B 50 6.44 -10.72 -18.71
CA VAL B 50 5.86 -11.12 -17.44
C VAL B 50 4.66 -12.03 -17.66
N ALA B 51 3.89 -11.77 -18.70
CA ALA B 51 2.71 -12.59 -18.97
C ALA B 51 3.09 -14.05 -19.22
N ARG B 52 4.05 -14.29 -20.13
CA ARG B 52 4.51 -15.65 -20.44
C ARG B 52 4.96 -16.39 -19.19
N THR B 53 5.86 -15.76 -18.43
CA THR B 53 6.45 -16.40 -17.25
C THR B 53 5.38 -16.77 -16.21
N ALA B 54 4.47 -15.82 -15.97
CA ALA B 54 3.38 -16.02 -15.01
C ALA B 54 2.47 -17.18 -15.41
N LEU B 55 2.08 -17.23 -16.69
CA LEU B 55 1.25 -18.33 -17.19
C LEU B 55 2.00 -19.66 -17.08
N GLU B 56 3.25 -19.65 -17.50
CA GLU B 56 4.17 -20.77 -17.37
C GLU B 56 4.29 -21.27 -15.94
N ALA B 57 4.12 -20.39 -14.95
CA ALA B 57 4.34 -20.72 -13.53
C ALA B 57 3.07 -21.19 -12.79
N GLY B 58 1.92 -21.03 -13.42
CA GLY B 58 0.66 -21.39 -12.78
C GLY B 58 -0.55 -20.48 -12.93
N ALA B 59 -0.36 -19.23 -13.35
CA ALA B 59 -1.49 -18.33 -13.65
C ALA B 59 -2.36 -18.88 -14.78
N SER B 60 -3.66 -18.66 -14.71
CA SER B 60 -4.60 -19.11 -15.75
C SER B 60 -5.01 -17.96 -16.65
N ARG B 61 -5.05 -16.76 -16.09
CA ARG B 61 -5.68 -15.60 -16.74
C ARG B 61 -4.85 -14.34 -16.52
N LEU B 62 -5.16 -13.30 -17.29
CA LEU B 62 -4.45 -12.03 -17.19
C LEU B 62 -5.42 -10.89 -17.03
N ALA B 63 -4.97 -9.86 -16.31
CA ALA B 63 -5.75 -8.65 -16.12
C ALA B 63 -4.96 -7.45 -16.62
N VAL B 64 -5.64 -6.58 -17.37
CA VAL B 64 -5.13 -5.27 -17.81
C VAL B 64 -6.18 -4.21 -17.47
N ALA B 65 -5.81 -2.94 -17.59
CA ALA B 65 -6.67 -1.82 -17.20
C ALA B 65 -7.62 -1.34 -18.32
N PHE B 66 -7.15 -1.33 -19.56
CA PHE B 66 -7.97 -0.93 -20.71
C PHE B 66 -7.73 -1.79 -21.95
N LEU B 67 -8.60 -1.64 -22.95
CA LEU B 67 -8.61 -2.53 -24.12
C LEU B 67 -7.28 -2.59 -24.87
N ASP B 68 -6.72 -1.40 -25.20
CA ASP B 68 -5.44 -1.33 -25.91
C ASP B 68 -4.40 -2.27 -25.31
N GLU B 69 -4.42 -2.40 -23.99
CA GLU B 69 -3.42 -3.25 -23.31
C GLU B 69 -3.67 -4.71 -23.59
N ALA B 70 -4.94 -5.12 -23.62
CA ALA B 70 -5.32 -6.49 -23.94
C ALA B 70 -4.99 -6.81 -25.41
N LEU B 71 -5.26 -5.83 -26.28
CA LEU B 71 -4.98 -5.99 -27.72
C LEU B 71 -3.49 -6.08 -27.99
N ALA B 72 -2.68 -5.32 -27.25
CA ALA B 72 -1.22 -5.44 -27.36
C ALA B 72 -0.75 -6.86 -26.99
N LEU B 73 -1.32 -7.44 -25.94
CA LEU B 73 -0.92 -8.80 -25.55
C LEU B 73 -1.21 -9.85 -26.64
N ARG B 74 -2.44 -9.83 -27.17
CA ARG B 74 -2.84 -10.67 -28.30
C ARG B 74 -1.88 -10.52 -29.49
N GLU B 75 -1.65 -9.28 -29.92
CA GLU B 75 -0.69 -8.97 -30.98
C GLU B 75 0.71 -9.56 -30.72
N LYS B 76 1.05 -9.78 -29.45
CA LYS B 76 2.37 -10.30 -29.09
C LYS B 76 2.36 -11.80 -28.81
N GLY B 77 1.27 -12.48 -29.16
CA GLY B 77 1.21 -13.95 -29.14
C GLY B 77 0.57 -14.63 -27.94
N ILE B 78 0.13 -13.86 -26.94
CA ILE B 78 -0.49 -14.39 -25.73
C ILE B 78 -1.90 -14.88 -26.06
N GLU B 79 -2.22 -16.10 -25.69
CA GLU B 79 -3.56 -16.62 -26.00
C GLU B 79 -4.42 -16.97 -24.77
N ALA B 80 -3.86 -16.82 -23.57
CA ALA B 80 -4.61 -17.05 -22.34
C ALA B 80 -5.77 -16.06 -22.19
N PRO B 81 -6.77 -16.40 -21.38
CA PRO B 81 -7.88 -15.46 -21.18
C PRO B 81 -7.39 -14.12 -20.61
N ILE B 82 -7.98 -13.01 -21.07
CA ILE B 82 -7.61 -11.68 -20.59
C ILE B 82 -8.83 -10.88 -20.19
N LEU B 83 -8.79 -10.28 -19.00
CA LEU B 83 -9.88 -9.44 -18.53
C LEU B 83 -9.49 -7.96 -18.50
N VAL B 84 -10.28 -7.13 -19.18
CA VAL B 84 -10.14 -5.68 -19.01
C VAL B 84 -10.91 -5.27 -17.73
N THR B 85 -10.18 -4.71 -16.76
CA THR B 85 -10.76 -4.35 -15.46
C THR B 85 -11.25 -2.91 -15.40
N GLY B 86 -10.86 -2.10 -16.37
CA GLY B 86 -11.34 -0.73 -16.45
C GLY B 86 -12.45 -0.53 -17.45
N ALA B 87 -12.74 0.74 -17.74
CA ALA B 87 -13.81 1.12 -18.64
C ALA B 87 -13.45 0.82 -20.11
N SER B 88 -14.48 0.47 -20.88
CA SER B 88 -14.37 0.24 -22.32
C SER B 88 -15.59 0.86 -23.01
N ARG B 89 -15.49 1.10 -24.31
CA ARG B 89 -16.64 1.63 -25.04
C ARG B 89 -17.53 0.48 -25.51
N PRO B 90 -18.85 0.61 -25.34
CA PRO B 90 -19.78 -0.38 -25.91
C PRO B 90 -19.53 -0.67 -27.40
N ALA B 91 -19.20 0.34 -28.19
CA ALA B 91 -18.88 0.14 -29.62
C ALA B 91 -17.70 -0.80 -29.89
N ASP B 92 -16.86 -1.04 -28.89
CA ASP B 92 -15.70 -1.89 -29.04
C ASP B 92 -16.00 -3.34 -28.61
N ALA B 93 -17.26 -3.62 -28.29
CA ALA B 93 -17.64 -4.98 -27.88
C ALA B 93 -17.26 -6.06 -28.91
N ALA B 94 -17.54 -5.81 -30.19
CA ALA B 94 -17.22 -6.78 -31.26
C ALA B 94 -15.70 -7.03 -31.41
N LEU B 95 -14.90 -5.96 -31.31
CA LEU B 95 -13.44 -6.09 -31.29
C LEU B 95 -12.98 -6.96 -30.11
N ALA B 96 -13.46 -6.67 -28.89
CA ALA B 96 -13.11 -7.48 -27.72
C ALA B 96 -13.48 -8.95 -27.91
N ALA B 97 -14.71 -9.17 -28.38
CA ALA B 97 -15.23 -10.50 -28.65
C ALA B 97 -14.39 -11.26 -29.66
N GLN B 98 -14.09 -10.62 -30.79
CA GLN B 98 -13.21 -11.20 -31.81
C GLN B 98 -11.87 -11.62 -31.18
N GLN B 99 -11.40 -10.84 -30.22
CA GLN B 99 -10.09 -11.06 -29.62
C GLN B 99 -10.11 -11.98 -28.41
N ARG B 100 -11.28 -12.53 -28.08
CA ARG B 100 -11.50 -13.33 -26.85
C ARG B 100 -10.97 -12.61 -25.61
N ILE B 101 -11.36 -11.35 -25.49
CA ILE B 101 -11.02 -10.54 -24.34
C ILE B 101 -12.29 -10.30 -23.55
N ALA B 102 -12.23 -10.51 -22.25
CA ALA B 102 -13.40 -10.26 -21.41
C ALA B 102 -13.44 -8.81 -20.96
N LEU B 103 -14.65 -8.28 -20.82
CA LEU B 103 -14.82 -6.90 -20.40
C LEU B 103 -15.59 -6.81 -19.07
N THR B 104 -15.21 -5.84 -18.24
CA THR B 104 -15.90 -5.58 -16.97
C THR B 104 -17.03 -4.59 -17.21
N VAL B 105 -18.21 -4.86 -16.64
CA VAL B 105 -19.31 -3.90 -16.73
C VAL B 105 -19.62 -3.27 -15.37
N PHE B 106 -19.84 -1.97 -15.39
CA PHE B 106 -20.09 -1.18 -14.18
C PHE B 106 -21.52 -0.65 -14.12
N ARG B 107 -22.14 -0.44 -15.28
CA ARG B 107 -23.48 0.16 -15.38
C ARG B 107 -24.36 -0.64 -16.32
N SER B 108 -25.63 -0.81 -15.96
CA SER B 108 -26.56 -1.55 -16.80
C SER B 108 -26.83 -0.87 -18.15
N ASP B 109 -26.77 0.46 -18.19
CA ASP B 109 -27.05 1.17 -19.43
C ASP B 109 -25.88 1.11 -20.43
N TRP B 110 -24.68 0.85 -19.92
CA TRP B 110 -23.56 0.41 -20.75
C TRP B 110 -23.94 -0.88 -21.50
N LEU B 111 -24.47 -1.87 -20.79
CA LEU B 111 -24.84 -3.15 -21.39
C LEU B 111 -26.05 -3.03 -22.32
N GLU B 112 -26.97 -2.12 -21.99
CA GLU B 112 -28.07 -1.77 -22.88
C GLU B 112 -27.56 -1.31 -24.26
N GLU B 113 -26.60 -0.37 -24.26
CA GLU B 113 -25.96 0.12 -25.49
C GLU B 113 -25.25 -1.00 -26.23
N ALA B 114 -24.41 -1.72 -25.48
CA ALA B 114 -23.66 -2.83 -26.03
C ALA B 114 -24.60 -3.85 -26.67
N SER B 115 -25.67 -4.21 -25.97
CA SER B 115 -26.67 -5.18 -26.48
C SER B 115 -27.32 -4.70 -27.77
N ALA B 116 -27.70 -3.44 -27.81
CA ALA B 116 -28.26 -2.85 -29.02
C ALA B 116 -27.33 -3.09 -30.23
N LEU B 117 -26.13 -2.50 -30.21
CA LEU B 117 -25.12 -2.62 -31.30
C LEU B 117 -24.68 -4.03 -31.67
N TYR B 118 -24.42 -4.87 -30.67
CA TYR B 118 -23.83 -6.18 -30.93
C TYR B 118 -24.82 -7.29 -31.27
N SER B 119 -24.58 -7.95 -32.39
CA SER B 119 -25.44 -9.04 -32.84
C SER B 119 -24.64 -10.32 -33.05
N GLY B 120 -23.33 -10.18 -33.35
CA GLY B 120 -22.43 -11.35 -33.43
C GLY B 120 -21.21 -11.21 -34.32
N PRO B 121 -20.56 -12.34 -34.65
CA PRO B 121 -20.91 -13.73 -34.34
C PRO B 121 -20.18 -14.35 -33.14
N PHE B 122 -19.19 -13.63 -32.62
CA PHE B 122 -18.42 -14.10 -31.46
C PHE B 122 -19.16 -13.86 -30.15
N PRO B 123 -19.00 -14.78 -29.19
CA PRO B 123 -19.54 -14.49 -27.85
C PRO B 123 -18.65 -13.46 -27.10
N ILE B 124 -19.25 -12.60 -26.26
CA ILE B 124 -18.48 -11.73 -25.36
C ILE B 124 -18.74 -12.18 -23.93
N HIS B 125 -17.65 -12.28 -23.17
CA HIS B 125 -17.71 -12.62 -21.75
C HIS B 125 -17.65 -11.36 -20.91
N PHE B 126 -18.61 -11.23 -19.98
CA PHE B 126 -18.64 -10.07 -19.11
C PHE B 126 -18.37 -10.44 -17.64
N HIS B 127 -17.67 -9.54 -16.96
CA HIS B 127 -17.51 -9.58 -15.51
C HIS B 127 -18.21 -8.37 -14.91
N LEU B 128 -18.98 -8.60 -13.85
CA LEU B 128 -19.67 -7.50 -13.18
C LEU B 128 -18.84 -6.97 -12.02
N TYR B 129 -18.72 -5.65 -11.97
CA TYR B 129 -18.09 -5.01 -10.84
C TYR B 129 -19.15 -4.40 -9.91
N MET B 130 -19.26 -4.99 -8.72
CA MET B 130 -20.24 -4.57 -7.73
C MET B 130 -19.72 -3.40 -6.90
N ASP B 131 -20.53 -2.35 -6.76
CA ASP B 131 -20.23 -1.29 -5.79
C ASP B 131 -20.63 -1.78 -4.39
N THR B 132 -19.66 -2.17 -3.57
CA THR B 132 -19.99 -2.69 -2.24
C THR B 132 -20.13 -1.55 -1.22
N GLY B 133 -20.74 -0.45 -1.67
CA GLY B 133 -20.83 0.77 -0.86
C GLY B 133 -19.49 1.47 -0.70
N MET B 134 -18.42 0.80 -1.13
CA MET B 134 -17.05 1.29 -1.00
C MET B 134 -16.84 2.71 -1.59
N GLY B 135 -17.49 3.01 -2.72
CA GLY B 135 -17.59 4.41 -3.17
C GLY B 135 -17.54 4.75 -4.65
N SER B 136 -16.45 4.35 -5.31
CA SER B 136 -16.06 4.87 -6.62
C SER B 136 -17.14 4.72 -7.71
N LEU B 137 -17.39 3.47 -8.09
CA LEU B 137 -18.17 3.10 -9.25
C LEU B 137 -18.73 1.68 -9.06
N GLY B 138 -19.49 1.21 -10.05
CA GLY B 138 -19.98 -0.17 -10.04
C GLY B 138 -21.47 -0.27 -9.85
N VAL B 139 -22.01 -1.46 -10.05
CA VAL B 139 -23.44 -1.69 -9.91
C VAL B 139 -23.90 -1.62 -8.46
N LYS B 140 -24.91 -0.79 -8.21
CA LYS B 140 -25.27 -0.32 -6.87
C LYS B 140 -26.39 -1.11 -6.19
N ASP B 141 -27.34 -1.65 -6.96
CA ASP B 141 -28.57 -2.21 -6.39
C ASP B 141 -29.13 -3.44 -7.13
N GLU B 142 -30.23 -3.96 -6.58
CA GLU B 142 -30.86 -5.17 -7.08
C GLU B 142 -31.53 -5.00 -8.45
N GLU B 143 -32.24 -3.89 -8.65
CA GLU B 143 -32.94 -3.70 -9.92
C GLU B 143 -31.94 -3.64 -11.07
N GLU B 144 -30.83 -2.94 -10.84
CA GLU B 144 -29.75 -2.85 -11.81
C GLU B 144 -29.12 -4.22 -12.09
N THR B 145 -28.84 -4.98 -11.04
CA THR B 145 -28.28 -6.32 -11.18
C THR B 145 -29.22 -7.23 -11.98
N LYS B 146 -30.53 -7.14 -11.71
CA LYS B 146 -31.53 -7.95 -12.43
C LYS B 146 -31.60 -7.55 -13.91
N ARG B 147 -31.54 -6.25 -14.17
CA ARG B 147 -31.53 -5.69 -15.50
C ARG B 147 -30.36 -6.26 -16.31
N ILE B 148 -29.16 -6.19 -15.74
CA ILE B 148 -27.94 -6.68 -16.38
C ILE B 148 -28.06 -8.16 -16.71
N VAL B 149 -28.57 -8.92 -15.72
CA VAL B 149 -28.76 -10.37 -15.80
C VAL B 149 -29.74 -10.73 -16.91
N ALA B 150 -30.82 -9.97 -17.02
CA ALA B 150 -31.82 -10.19 -18.05
C ALA B 150 -31.20 -9.94 -19.42
N LEU B 151 -30.45 -8.86 -19.52
CA LEU B 151 -29.74 -8.48 -20.74
C LEU B 151 -28.82 -9.58 -21.23
N ILE B 152 -28.09 -10.20 -20.31
CA ILE B 152 -27.11 -11.25 -20.69
C ILE B 152 -27.83 -12.51 -21.11
N GLU B 153 -28.85 -12.90 -20.34
CA GLU B 153 -29.69 -14.07 -20.62
C GLU B 153 -30.36 -14.00 -22.00
N ARG B 154 -30.86 -12.82 -22.33
CA ARG B 154 -31.63 -12.61 -23.55
C ARG B 154 -30.71 -12.66 -24.77
N HIS B 155 -29.66 -11.85 -24.77
CA HIS B 155 -28.70 -11.79 -25.87
C HIS B 155 -28.02 -13.14 -26.10
N PRO B 156 -28.10 -13.67 -27.33
CA PRO B 156 -27.55 -15.01 -27.57
C PRO B 156 -26.01 -15.05 -27.54
N HIS B 157 -25.35 -13.90 -27.68
CA HIS B 157 -23.87 -13.89 -27.67
C HIS B 157 -23.20 -13.44 -26.36
N PHE B 158 -23.99 -12.91 -25.43
CA PHE B 158 -23.50 -12.46 -24.13
C PHE B 158 -23.31 -13.64 -23.18
N VAL B 159 -22.20 -13.64 -22.45
CA VAL B 159 -21.98 -14.57 -21.33
C VAL B 159 -21.54 -13.83 -20.04
N LEU B 160 -22.12 -14.21 -18.92
CA LEU B 160 -21.66 -13.76 -17.62
C LEU B 160 -20.55 -14.70 -17.13
N GLU B 161 -19.31 -14.24 -17.24
CA GLU B 161 -18.16 -15.06 -16.86
C GLU B 161 -17.87 -14.88 -15.36
N GLY B 162 -18.00 -13.64 -14.87
CA GLY B 162 -17.49 -13.33 -13.54
C GLY B 162 -18.20 -12.27 -12.74
N LEU B 163 -17.75 -12.15 -11.49
CA LEU B 163 -18.31 -11.21 -10.54
C LEU B 163 -17.18 -10.78 -9.58
N TRP B 164 -16.99 -9.47 -9.39
CA TRP B 164 -15.95 -8.96 -8.47
C TRP B 164 -16.20 -7.57 -7.84
N THR B 165 -15.43 -7.23 -6.81
CA THR B 165 -15.57 -5.96 -6.14
C THR B 165 -14.26 -5.52 -5.50
N TRP B 166 -14.30 -4.43 -4.75
CA TRP B 166 -13.11 -3.91 -4.09
C TRP B 166 -13.40 -3.57 -2.63
N TYR B 180 -18.17 -4.31 6.49
CA TYR B 180 -19.42 -3.80 5.93
C TYR B 180 -19.52 -4.11 4.44
N GLN B 181 -18.47 -3.79 3.70
CA GLN B 181 -18.45 -4.03 2.27
C GLN B 181 -18.66 -5.53 1.99
N TYR B 182 -18.02 -6.36 2.81
CA TYR B 182 -18.09 -7.81 2.67
C TYR B 182 -19.51 -8.35 2.86
N THR B 183 -20.24 -7.79 3.81
CA THR B 183 -21.65 -8.12 4.02
C THR B 183 -22.52 -7.75 2.82
N ARG B 184 -22.30 -6.55 2.28
CA ARG B 184 -23.01 -6.10 1.08
C ARG B 184 -22.78 -7.06 -0.08
N PHE B 185 -21.53 -7.46 -0.28
CA PHE B 185 -21.15 -8.37 -1.33
C PHE B 185 -21.88 -9.66 -1.26
N LEU B 186 -22.03 -10.19 -0.08
CA LEU B 186 -22.69 -11.45 0.08
C LEU B 186 -24.15 -11.36 -0.25
N HIS B 187 -24.77 -10.21 0.00
CA HIS B 187 -26.16 -10.02 -0.33
C HIS B 187 -26.29 -9.93 -1.82
N MET B 188 -25.48 -9.07 -2.41
CA MET B 188 -25.57 -8.87 -3.82
C MET B 188 -25.45 -10.19 -4.51
N LEU B 189 -24.66 -11.09 -3.98
CA LEU B 189 -24.51 -12.36 -4.62
C LEU B 189 -25.77 -13.19 -4.69
N GLU B 190 -26.66 -12.97 -3.74
CA GLU B 190 -27.94 -13.69 -3.73
C GLU B 190 -28.89 -13.28 -4.84
N TRP B 191 -28.72 -12.04 -5.31
CA TRP B 191 -29.53 -11.46 -6.39
C TRP B 191 -29.39 -12.21 -7.71
N LEU B 192 -28.30 -12.95 -7.86
CA LEU B 192 -28.03 -13.66 -9.10
C LEU B 192 -28.73 -15.01 -9.11
N PRO B 193 -29.42 -15.34 -10.22
CA PRO B 193 -30.02 -16.66 -10.37
C PRO B 193 -28.97 -17.75 -10.16
N SER B 194 -27.93 -17.73 -10.99
CA SER B 194 -26.80 -18.64 -10.85
C SER B 194 -25.55 -17.90 -10.38
N ARG B 195 -24.61 -18.64 -9.80
CA ARG B 195 -23.31 -18.11 -9.47
C ARG B 195 -22.50 -18.10 -10.77
N PRO B 196 -21.73 -17.02 -11.02
CA PRO B 196 -20.89 -16.99 -12.21
C PRO B 196 -19.71 -17.96 -12.08
N PRO B 197 -19.16 -18.44 -13.21
CA PRO B 197 -18.00 -19.33 -13.11
C PRO B 197 -16.87 -18.74 -12.25
N LEU B 198 -16.69 -17.43 -12.29
CA LEU B 198 -15.58 -16.77 -11.59
C LEU B 198 -16.06 -15.68 -10.66
N VAL B 199 -15.72 -15.82 -9.38
CA VAL B 199 -16.01 -14.82 -8.36
C VAL B 199 -14.71 -14.51 -7.66
N PHE B 200 -14.27 -13.27 -7.75
CA PHE B 200 -12.97 -12.88 -7.21
C PHE B 200 -12.97 -11.50 -6.58
N CYS B 201 -11.78 -11.11 -6.11
CA CYS B 201 -11.62 -10.05 -5.12
C CYS B 201 -10.82 -8.80 -5.56
N ALA B 202 -9.60 -8.98 -6.05
CA ALA B 202 -8.78 -7.82 -6.48
C ALA B 202 -8.15 -7.05 -5.33
N ASN B 203 -7.73 -7.76 -4.28
CA ASN B 203 -6.99 -7.12 -3.20
C ASN B 203 -5.66 -7.83 -2.97
N SER B 204 -4.76 -7.15 -2.25
CA SER B 204 -3.46 -7.68 -1.80
C SER B 204 -3.32 -9.20 -1.80
N THR B 214 -15.69 -18.90 -1.00
CA THR B 214 -16.45 -17.86 -1.68
C THR B 214 -15.80 -17.46 -3.00
N PHE B 215 -14.56 -17.00 -2.92
CA PHE B 215 -13.81 -16.58 -4.10
C PHE B 215 -13.03 -17.75 -4.71
N ASN B 216 -13.25 -17.99 -5.99
CA ASN B 216 -12.57 -19.08 -6.69
C ASN B 216 -11.44 -18.62 -7.64
N MET B 217 -11.16 -17.32 -7.64
CA MET B 217 -10.01 -16.77 -8.36
C MET B 217 -9.38 -15.71 -7.46
N VAL B 218 -8.05 -15.56 -7.54
CA VAL B 218 -7.35 -14.47 -6.84
C VAL B 218 -6.57 -13.60 -7.83
N GLN B 219 -6.58 -12.29 -7.62
CA GLN B 219 -5.68 -11.42 -8.39
C GLN B 219 -4.34 -11.26 -7.69
N PHE B 220 -3.28 -11.57 -8.42
CA PHE B 220 -1.91 -11.40 -7.97
C PHE B 220 -1.39 -10.06 -8.50
N GLY B 221 -1.42 -9.05 -7.64
CA GLY B 221 -1.00 -7.71 -8.03
C GLY B 221 0.49 -7.55 -7.93
N ILE B 222 0.92 -6.51 -7.22
CA ILE B 222 2.35 -6.20 -7.09
C ILE B 222 3.17 -7.23 -6.33
N ALA B 223 2.52 -8.06 -5.52
CA ALA B 223 3.23 -9.13 -4.83
C ALA B 223 3.96 -10.03 -5.82
N MET B 224 3.37 -10.20 -7.00
CA MET B 224 3.96 -10.95 -8.12
C MET B 224 5.32 -10.36 -8.53
N TYR B 225 5.48 -9.05 -8.32
CA TYR B 225 6.73 -8.36 -8.68
C TYR B 225 7.64 -8.22 -7.46
N GLY B 226 7.27 -8.91 -6.39
CA GLY B 226 8.02 -8.97 -5.13
C GLY B 226 7.89 -7.76 -4.22
N LEU B 227 6.85 -6.96 -4.42
CA LEU B 227 6.73 -5.69 -3.71
C LEU B 227 5.81 -5.70 -2.47
N ALA B 228 4.73 -6.47 -2.51
CA ALA B 228 3.81 -6.62 -1.36
C ALA B 228 3.12 -5.32 -0.88
N PRO B 240 8.21 -15.34 1.40
CA PRO B 240 9.51 -14.99 0.82
C PRO B 240 9.39 -14.42 -0.62
N LEU B 241 9.18 -13.11 -0.74
CA LEU B 241 8.96 -12.50 -2.05
C LEU B 241 10.25 -11.99 -2.71
N LYS B 242 10.38 -12.26 -4.01
CA LYS B 242 11.57 -11.87 -4.73
C LYS B 242 11.31 -10.67 -5.62
N GLU B 243 12.16 -9.66 -5.51
CA GLU B 243 12.05 -8.47 -6.34
C GLU B 243 12.49 -8.80 -7.76
N ALA B 244 11.85 -8.18 -8.74
CA ALA B 244 12.09 -8.54 -10.14
C ALA B 244 12.83 -7.46 -10.91
N PHE B 245 12.87 -6.25 -10.36
CA PHE B 245 13.27 -5.08 -11.11
C PHE B 245 14.49 -4.40 -10.53
N SER B 246 15.52 -4.19 -11.35
CA SER B 246 16.65 -3.38 -10.91
C SER B 246 17.06 -2.37 -11.99
N LEU B 247 17.78 -1.31 -11.58
CA LEU B 247 18.06 -0.17 -12.45
C LEU B 247 19.54 0.28 -12.35
N HIS B 248 20.19 0.44 -13.50
CA HIS B 248 21.62 0.66 -13.52
C HIS B 248 22.00 1.70 -14.55
N SER B 249 23.12 2.36 -14.32
CA SER B 249 23.67 3.26 -15.32
C SER B 249 25.18 3.16 -15.22
N ARG B 250 25.88 3.99 -15.99
CA ARG B 250 27.34 3.98 -15.94
C ARG B 250 27.85 5.39 -15.93
N LEU B 251 28.98 5.61 -15.26
CA LEU B 251 29.56 6.94 -15.28
C LEU B 251 29.96 7.26 -16.71
N VAL B 252 29.60 8.46 -17.13
CA VAL B 252 29.81 8.89 -18.49
C VAL B 252 30.70 10.16 -18.53
N HIS B 253 30.78 10.86 -17.39
CA HIS B 253 31.85 11.84 -17.14
C HIS B 253 32.29 11.89 -15.67
N VAL B 254 33.55 12.24 -15.44
CA VAL B 254 34.12 12.37 -14.10
C VAL B 254 35.00 13.62 -14.01
N LYS B 255 34.77 14.41 -12.97
CA LYS B 255 35.46 15.70 -12.81
C LYS B 255 35.93 15.86 -11.36
N LYS B 256 37.15 16.37 -11.19
CA LYS B 256 37.64 16.76 -9.86
C LYS B 256 37.23 18.20 -9.60
N LEU B 257 36.60 18.45 -8.46
CA LEU B 257 36.28 19.79 -8.04
C LEU B 257 37.27 20.20 -6.96
N GLN B 258 37.77 21.43 -7.05
CA GLN B 258 38.55 22.01 -5.98
C GLN B 258 37.61 22.66 -4.94
N PRO B 259 38.04 22.78 -3.66
CA PRO B 259 37.22 23.49 -2.67
C PRO B 259 36.79 24.84 -3.19
N GLY B 260 35.49 25.14 -3.08
CA GLY B 260 34.96 26.40 -3.57
C GLY B 260 34.32 26.35 -4.95
N GLU B 261 34.72 25.37 -5.76
CA GLU B 261 34.16 25.23 -7.13
C GLU B 261 32.66 24.96 -7.14
N LYS B 262 31.97 25.59 -8.08
CA LYS B 262 30.52 25.48 -8.17
C LYS B 262 30.09 24.66 -9.38
N VAL B 263 28.88 24.13 -9.32
CA VAL B 263 28.27 23.48 -10.46
C VAL B 263 26.78 23.82 -10.54
N THR B 268 24.40 26.46 -7.64
CA THR B 268 23.67 25.80 -6.58
C THR B 268 24.46 24.74 -5.76
N TYR B 269 25.29 23.90 -6.39
CA TYR B 269 26.17 22.98 -5.63
C TYR B 269 27.60 23.50 -5.49
N THR B 270 28.06 23.59 -4.24
CA THR B 270 29.39 24.12 -3.93
C THR B 270 30.27 23.06 -3.27
N ALA B 271 31.39 22.74 -3.90
CA ALA B 271 32.38 21.83 -3.30
C ALA B 271 32.92 22.38 -1.97
N GLN B 272 33.06 21.52 -0.96
CA GLN B 272 33.63 21.94 0.32
C GLN B 272 35.06 21.41 0.50
N THR B 273 35.43 20.40 -0.27
CA THR B 273 36.79 19.86 -0.30
C THR B 273 37.17 19.56 -1.73
N GLU B 274 38.38 19.04 -1.90
CA GLU B 274 38.75 18.36 -3.13
C GLU B 274 37.88 17.11 -3.25
N GLU B 275 37.18 16.96 -4.37
CA GLU B 275 36.20 15.86 -4.51
C GLU B 275 35.89 15.52 -5.97
N TRP B 276 35.21 14.40 -6.17
CA TRP B 276 34.97 13.88 -7.52
C TRP B 276 33.48 13.70 -7.78
N ILE B 277 33.02 14.36 -8.84
CA ILE B 277 31.65 14.31 -9.29
C ILE B 277 31.55 13.49 -10.58
N GLY B 278 30.73 12.44 -10.56
CA GLY B 278 30.47 11.61 -11.74
C GLY B 278 29.09 11.87 -12.32
N THR B 279 28.99 11.94 -13.64
CA THR B 279 27.70 12.12 -14.31
C THR B 279 27.21 10.81 -14.91
N ILE B 280 25.96 10.46 -14.61
CA ILE B 280 25.29 9.31 -15.24
C ILE B 280 24.21 9.78 -16.20
N PRO B 281 24.05 9.11 -17.35
CA PRO B 281 23.06 9.56 -18.32
C PRO B 281 21.66 9.01 -18.02
N ILE B 282 21.03 9.54 -16.97
CA ILE B 282 19.64 9.23 -16.64
C ILE B 282 19.12 10.49 -15.97
N GLY B 283 17.89 10.88 -16.28
CA GLY B 283 17.29 12.10 -15.72
C GLY B 283 15.80 11.93 -15.52
N TYR B 284 15.07 13.02 -15.29
CA TYR B 284 13.63 12.93 -15.00
C TYR B 284 12.80 12.50 -16.22
N LYS B 285 13.31 12.77 -17.41
CA LYS B 285 12.72 12.24 -18.65
C LYS B 285 12.68 10.69 -18.64
N ASP B 286 13.58 10.08 -17.86
CA ASP B 286 13.63 8.64 -17.74
C ASP B 286 12.79 8.12 -16.58
N GLY B 287 12.16 9.03 -15.85
CA GLY B 287 11.36 8.69 -14.69
C GLY B 287 12.19 8.72 -13.41
N TRP B 288 13.45 9.13 -13.54
CA TRP B 288 14.26 9.37 -12.36
C TRP B 288 13.96 10.78 -11.86
N LEU B 289 12.96 10.87 -10.98
CA LEU B 289 12.35 12.15 -10.62
C LEU B 289 13.28 13.08 -9.84
N ARG B 290 13.07 14.37 -10.02
CA ARG B 290 13.86 15.41 -9.38
C ARG B 290 13.97 15.26 -7.86
N ARG B 291 12.90 14.76 -7.23
CA ARG B 291 12.89 14.61 -5.79
C ARG B 291 13.83 13.51 -5.29
N LEU B 292 14.59 12.92 -6.20
CA LEU B 292 15.58 11.93 -5.81
C LEU B 292 16.95 12.56 -5.59
N GLN B 293 17.00 13.89 -5.51
CA GLN B 293 18.28 14.60 -5.58
C GLN B 293 19.17 14.60 -4.33
N HIS B 294 18.82 13.85 -3.29
CA HIS B 294 19.77 13.62 -2.19
C HIS B 294 19.84 12.13 -1.84
N PHE B 295 19.30 11.32 -2.74
CA PHE B 295 19.22 9.89 -2.58
C PHE B 295 20.63 9.30 -2.69
N HIS B 296 20.83 8.11 -2.18
CA HIS B 296 22.14 7.45 -2.17
C HIS B 296 22.13 6.24 -3.14
N VAL B 297 22.93 6.30 -4.20
CA VAL B 297 23.04 5.19 -5.15
C VAL B 297 24.25 4.34 -4.81
N LEU B 298 24.52 3.30 -5.61
CA LEU B 298 25.67 2.44 -5.39
C LEU B 298 26.71 2.55 -6.51
N VAL B 299 27.95 2.88 -6.16
CA VAL B 299 29.13 2.86 -7.07
C VAL B 299 30.31 2.25 -6.37
N ASP B 300 30.99 1.32 -7.03
CA ASP B 300 32.19 0.71 -6.48
C ASP B 300 31.91 0.07 -5.10
N GLY B 301 30.74 -0.56 -4.99
CA GLY B 301 30.31 -1.22 -3.77
C GLY B 301 29.96 -0.29 -2.63
N GLN B 302 29.76 0.99 -2.92
CA GLN B 302 29.42 1.95 -1.87
C GLN B 302 28.31 2.94 -2.14
N LYS B 303 27.68 3.41 -1.06
CA LYS B 303 26.65 4.45 -1.15
C LYS B 303 27.31 5.76 -1.50
N ALA B 304 26.72 6.46 -2.47
CA ALA B 304 27.21 7.77 -2.88
C ALA B 304 25.99 8.65 -3.11
N PRO B 305 26.07 9.93 -2.71
CA PRO B 305 24.86 10.75 -2.77
C PRO B 305 24.63 11.35 -4.15
N ILE B 306 23.37 11.38 -4.59
CA ILE B 306 23.02 12.18 -5.77
C ILE B 306 23.04 13.62 -5.31
N VAL B 307 23.75 14.45 -6.06
CA VAL B 307 24.21 15.71 -5.57
C VAL B 307 23.81 16.74 -6.62
N GLY B 308 23.45 17.95 -6.20
CA GLY B 308 22.92 18.98 -7.12
C GLY B 308 21.58 18.61 -7.73
N ARG B 309 21.07 19.46 -8.61
CA ARG B 309 19.77 19.27 -9.26
C ARG B 309 19.78 18.09 -10.25
N ILE B 310 18.71 17.29 -10.25
CA ILE B 310 18.57 16.26 -11.29
C ILE B 310 18.02 16.89 -12.56
N LEU B 311 18.67 16.60 -13.68
CA LEU B 311 18.36 17.22 -14.96
C LEU B 311 17.49 16.31 -15.85
N MET B 312 17.12 16.81 -17.03
CA MET B 312 16.38 16.05 -18.06
C MET B 312 16.97 14.66 -18.34
N ASP B 313 18.28 14.65 -18.58
CA ASP B 313 18.95 13.51 -19.17
C ASP B 313 20.18 13.07 -18.40
N MET B 314 20.50 13.78 -17.32
CA MET B 314 21.70 13.49 -16.51
C MET B 314 21.50 13.84 -15.05
N CYS B 315 22.31 13.22 -14.20
CA CYS B 315 22.39 13.63 -12.81
C CYS B 315 23.77 13.33 -12.26
N MET B 316 24.09 13.90 -11.12
CA MET B 316 25.47 13.89 -10.64
C MET B 316 25.62 13.22 -9.30
N ILE B 317 26.64 12.39 -9.15
CA ILE B 317 26.90 11.76 -7.84
C ILE B 317 28.30 12.13 -7.34
N ARG B 318 28.41 12.38 -6.02
CA ARG B 318 29.71 12.57 -5.38
C ARG B 318 30.34 11.19 -5.24
N LEU B 319 31.50 11.00 -5.87
CA LEU B 319 32.14 9.69 -5.93
C LEU B 319 33.00 9.44 -4.69
N PRO B 320 33.16 8.16 -4.30
CA PRO B 320 34.02 7.84 -3.16
C PRO B 320 35.47 8.24 -3.43
N GLY B 321 35.88 8.17 -4.70
CA GLY B 321 37.21 8.60 -5.14
C GLY B 321 37.19 8.71 -6.66
N PRO B 322 38.37 8.91 -7.28
CA PRO B 322 38.45 8.98 -8.73
C PRO B 322 38.11 7.65 -9.41
N LEU B 323 36.85 7.50 -9.83
CA LEU B 323 36.45 6.33 -10.59
C LEU B 323 36.53 6.66 -12.08
N PRO B 324 36.93 5.66 -12.91
CA PRO B 324 36.96 5.89 -14.36
C PRO B 324 35.56 5.90 -14.97
N VAL B 325 35.36 6.70 -16.02
CA VAL B 325 34.13 6.60 -16.81
C VAL B 325 33.95 5.13 -17.22
N GLY B 326 32.71 4.66 -17.23
CA GLY B 326 32.40 3.23 -17.44
C GLY B 326 32.03 2.49 -16.16
N THR B 327 32.31 3.08 -15.00
CA THR B 327 31.99 2.45 -13.71
C THR B 327 30.46 2.31 -13.53
N LYS B 328 30.05 1.10 -13.19
CA LYS B 328 28.65 0.76 -12.99
C LYS B 328 28.05 1.52 -11.79
N VAL B 329 26.92 2.17 -12.02
CA VAL B 329 26.13 2.75 -10.95
C VAL B 329 24.79 2.01 -10.85
N THR B 330 24.52 1.46 -9.68
CA THR B 330 23.26 0.80 -9.43
C THR B 330 22.31 1.72 -8.67
N LEU B 331 21.23 2.10 -9.34
CA LEU B 331 20.23 2.99 -8.77
C LEU B 331 19.28 2.19 -7.89
N ILE B 332 18.98 0.98 -8.32
CA ILE B 332 18.08 0.07 -7.62
C ILE B 332 18.67 -1.30 -7.83
N GLY B 333 18.89 -2.02 -6.73
CA GLY B 333 19.48 -3.35 -6.80
C GLY B 333 20.67 -3.55 -5.90
N ARG B 334 21.54 -4.47 -6.29
CA ARG B 334 22.53 -5.04 -5.41
C ARG B 334 23.93 -4.93 -5.97
N GLN B 335 24.82 -4.33 -5.17
CA GLN B 335 26.20 -4.15 -5.57
C GLN B 335 27.05 -4.52 -4.36
N GLY B 336 27.74 -5.64 -4.46
CA GLY B 336 28.49 -6.20 -3.33
C GLY B 336 27.54 -6.76 -2.27
N ASP B 337 27.69 -6.29 -1.03
CA ASP B 337 26.80 -6.69 0.06
C ASP B 337 25.68 -5.69 0.28
N LYS B 338 25.80 -4.52 -0.34
CA LYS B 338 24.79 -3.46 -0.22
C LYS B 338 23.65 -3.68 -1.23
N VAL B 339 22.49 -3.09 -0.97
CA VAL B 339 21.31 -3.23 -1.81
C VAL B 339 20.33 -2.06 -1.64
N ILE B 340 19.91 -1.45 -2.75
CA ILE B 340 18.81 -0.49 -2.77
C ILE B 340 17.57 -1.23 -3.23
N SER B 341 16.47 -1.09 -2.51
CA SER B 341 15.21 -1.73 -2.93
C SER B 341 14.24 -0.68 -3.47
N ILE B 342 13.21 -1.15 -4.17
CA ILE B 342 12.11 -0.27 -4.62
C ILE B 342 11.55 0.54 -3.46
N ASP B 343 11.40 -0.09 -2.30
CA ASP B 343 10.87 0.59 -1.11
C ASP B 343 11.67 1.85 -0.73
N ASP B 344 13.00 1.73 -0.74
CA ASP B 344 13.90 2.86 -0.48
C ASP B 344 13.63 4.05 -1.39
N VAL B 345 13.48 3.78 -2.70
CA VAL B 345 13.19 4.85 -3.65
C VAL B 345 11.81 5.47 -3.37
N ALA B 346 10.86 4.63 -2.98
CA ALA B 346 9.49 5.08 -2.71
C ALA B 346 9.42 5.94 -1.44
N ARG B 347 10.06 5.51 -0.35
CA ARG B 347 10.17 6.33 0.88
C ARG B 347 10.75 7.69 0.56
N HIS B 348 11.85 7.70 -0.19
CA HIS B 348 12.53 8.94 -0.49
C HIS B 348 11.59 9.82 -1.30
N LEU B 349 10.85 9.22 -2.23
CA LEU B 349 9.85 9.96 -3.01
C LEU B 349 8.57 10.32 -2.23
N GLU B 350 8.33 9.62 -1.11
CA GLU B 350 7.09 9.75 -0.33
C GLU B 350 5.90 9.24 -1.16
N THR B 351 6.02 8.00 -1.63
CA THR B 351 4.95 7.35 -2.38
C THR B 351 4.97 5.85 -2.15
N ILE B 352 4.00 5.18 -2.80
CA ILE B 352 3.89 3.73 -2.82
C ILE B 352 4.95 3.13 -3.73
N ASN B 353 5.43 1.95 -3.38
CA ASN B 353 6.37 1.24 -4.21
C ASN B 353 5.85 0.97 -5.65
N TYR B 354 4.51 0.91 -5.80
CA TYR B 354 3.82 0.78 -7.09
C TYR B 354 4.35 1.75 -8.14
N GLU B 355 4.34 3.03 -7.79
CA GLU B 355 4.65 4.12 -8.71
C GLU B 355 6.07 4.07 -9.32
N VAL B 356 7.01 3.46 -8.60
CA VAL B 356 8.43 3.54 -8.98
C VAL B 356 8.78 2.86 -10.33
N PRO B 357 8.57 1.53 -10.44
CA PRO B 357 8.91 0.90 -11.72
C PRO B 357 7.96 1.34 -12.85
N CYS B 358 6.71 1.66 -12.53
CA CYS B 358 5.75 2.23 -13.50
C CYS B 358 6.20 3.56 -14.10
N THR B 359 6.95 4.36 -13.35
CA THR B 359 7.34 5.68 -13.83
C THR B 359 8.64 5.62 -14.62
N ILE B 360 9.39 4.53 -14.47
CA ILE B 360 10.60 4.38 -15.27
C ILE B 360 10.25 4.29 -16.75
N SER B 361 10.70 5.29 -17.50
CA SER B 361 10.21 5.58 -18.84
C SER B 361 10.48 4.51 -19.90
N TYR B 362 9.62 4.52 -20.93
CA TYR B 362 9.72 3.69 -22.14
C TYR B 362 11.12 3.68 -22.78
N ARG B 363 11.84 4.81 -22.73
CA ARG B 363 13.18 4.89 -23.32
C ARG B 363 14.32 4.25 -22.50
N VAL B 364 13.97 3.61 -21.39
CA VAL B 364 14.94 2.80 -20.68
C VAL B 364 14.77 1.33 -21.10
N PRO B 365 15.81 0.73 -21.70
CA PRO B 365 15.70 -0.66 -22.16
C PRO B 365 15.51 -1.59 -20.98
N ARG B 366 14.84 -2.73 -21.18
CA ARG B 366 14.83 -3.75 -20.14
C ARG B 366 15.59 -4.94 -20.66
N ILE B 367 16.49 -5.44 -19.83
CA ILE B 367 17.17 -6.69 -20.08
C ILE B 367 16.44 -7.77 -19.26
N PHE B 368 15.91 -8.77 -19.95
CA PHE B 368 15.22 -9.89 -19.32
C PHE B 368 16.12 -11.10 -19.05
N PHE B 369 16.06 -11.61 -17.82
CA PHE B 369 16.81 -12.79 -17.42
C PHE B 369 15.83 -13.91 -17.09
N ARG B 370 16.15 -15.11 -17.59
CA ARG B 370 15.39 -16.31 -17.33
C ARG B 370 16.36 -17.48 -17.30
N HIS B 371 16.22 -18.34 -16.30
CA HIS B 371 17.15 -19.46 -16.03
C HIS B 371 18.57 -18.94 -15.84
N LYS B 372 18.69 -17.92 -14.98
CA LYS B 372 19.99 -17.38 -14.59
C LYS B 372 20.79 -16.70 -15.72
N ARG B 373 20.28 -16.73 -16.95
CA ARG B 373 20.97 -16.09 -18.07
C ARG B 373 20.06 -15.15 -18.89
N ILE B 374 20.69 -14.37 -19.77
CA ILE B 374 20.06 -13.26 -20.47
C ILE B 374 19.15 -13.79 -21.59
N MET B 375 17.87 -13.43 -21.54
CA MET B 375 16.85 -13.95 -22.48
C MET B 375 16.74 -13.04 -23.69
N GLU B 376 16.35 -11.79 -23.45
CA GLU B 376 16.22 -10.81 -24.51
C GLU B 376 16.34 -9.42 -23.93
N VAL B 377 16.49 -8.44 -24.82
CA VAL B 377 16.55 -7.04 -24.48
C VAL B 377 15.44 -6.34 -25.26
N ARG B 378 14.56 -5.62 -24.56
CA ARG B 378 13.56 -4.79 -25.22
C ARG B 378 14.00 -3.32 -25.17
N ASN B 379 14.26 -2.74 -26.34
CA ASN B 379 14.53 -1.32 -26.43
C ASN B 379 13.39 -0.69 -27.22
N ALA B 380 12.54 0.08 -26.55
CA ALA B 380 11.32 0.60 -27.17
C ALA B 380 11.60 1.69 -28.22
N ILE B 381 12.73 2.39 -28.08
CA ILE B 381 13.12 3.49 -28.97
C ILE B 381 13.66 2.96 -30.30
N ASN C 2 -3.41 6.15 -36.56
CA ASN C 2 -3.64 5.02 -35.61
C ASN C 2 -5.07 4.86 -35.14
N ASP C 3 -5.24 4.55 -33.86
CA ASP C 3 -6.44 3.89 -33.37
C ASP C 3 -6.29 3.59 -31.86
N PHE C 4 -7.26 4.00 -31.05
CA PHE C 4 -7.15 3.77 -29.60
C PHE C 4 -8.47 3.49 -28.92
N HIS C 5 -8.39 2.93 -27.71
CA HIS C 5 -9.58 2.33 -27.12
C HIS C 5 -9.85 2.70 -25.67
N ARG C 6 -9.22 3.80 -25.24
CA ARG C 6 -9.51 4.43 -23.95
C ARG C 6 -9.76 5.89 -24.18
N ASP C 7 -10.71 6.45 -23.43
CA ASP C 7 -11.05 7.85 -23.57
C ASP C 7 -10.08 8.81 -22.85
N THR C 8 -8.79 8.68 -23.14
CA THR C 8 -7.77 9.60 -22.66
C THR C 8 -6.76 9.78 -23.78
N TRP C 9 -6.41 11.04 -24.06
CA TRP C 9 -5.47 11.35 -25.13
C TRP C 9 -4.82 12.71 -24.95
N ALA C 10 -3.68 12.89 -25.59
CA ALA C 10 -3.06 14.20 -25.79
C ALA C 10 -3.30 14.75 -27.19
N GLU C 11 -3.27 16.06 -27.31
CA GLU C 11 -3.39 16.72 -28.60
C GLU C 11 -2.20 17.62 -28.77
N VAL C 12 -1.59 17.53 -29.95
CA VAL C 12 -0.40 18.29 -30.27
C VAL C 12 -0.73 19.21 -31.44
N ASP C 13 -0.64 20.51 -31.21
CA ASP C 13 -0.85 21.49 -32.28
C ASP C 13 0.47 21.76 -32.99
N LEU C 14 0.67 21.08 -34.12
CA LEU C 14 1.87 21.26 -34.91
C LEU C 14 1.92 22.64 -35.59
N ASP C 15 0.75 23.28 -35.72
CA ASP C 15 0.67 24.67 -36.17
C ASP C 15 1.34 25.59 -35.17
N ALA C 16 1.18 25.32 -33.89
CA ALA C 16 1.88 26.10 -32.87
C ALA C 16 3.39 25.92 -33.00
N ILE C 17 3.82 24.69 -33.27
CA ILE C 17 5.24 24.42 -33.49
C ILE C 17 5.74 25.19 -34.72
N TYR C 18 5.02 25.08 -35.84
CA TYR C 18 5.39 25.79 -37.06
C TYR C 18 5.46 27.29 -36.82
N ASP C 19 4.42 27.85 -36.21
CA ASP C 19 4.39 29.29 -35.89
C ASP C 19 5.57 29.71 -35.01
N ASN C 20 5.81 28.99 -33.93
CA ASN C 20 6.88 29.37 -33.01
C ASN C 20 8.24 29.41 -33.71
N VAL C 21 8.52 28.39 -34.52
CA VAL C 21 9.80 28.33 -35.26
C VAL C 21 9.89 29.42 -36.34
N GLU C 22 8.77 29.69 -37.01
CA GLU C 22 8.69 30.73 -38.05
C GLU C 22 9.00 32.11 -37.51
N ASN C 23 8.43 32.44 -36.35
CA ASN C 23 8.71 33.72 -35.71
C ASN C 23 10.19 33.87 -35.38
N LEU C 24 10.81 32.80 -34.89
CA LEU C 24 12.25 32.78 -34.64
C LEU C 24 13.05 32.91 -35.93
N ARG C 25 12.62 32.19 -36.97
CA ARG C 25 13.24 32.25 -38.29
C ARG C 25 13.17 33.68 -38.84
N ARG C 26 12.17 34.44 -38.39
CA ARG C 26 11.99 35.86 -38.71
C ARG C 26 13.01 36.76 -37.99
N LEU C 27 13.01 36.70 -36.67
CA LEU C 27 13.83 37.58 -35.83
C LEU C 27 15.34 37.44 -36.09
N LEU C 28 15.80 36.21 -36.29
CA LEU C 28 17.22 35.93 -36.45
C LEU C 28 17.78 36.38 -37.79
N PRO C 29 19.06 36.81 -37.81
CA PRO C 29 19.78 37.13 -39.05
C PRO C 29 19.81 35.96 -40.02
N ASP C 30 19.88 36.27 -41.30
CA ASP C 30 19.77 35.27 -42.37
C ASP C 30 20.96 34.29 -42.42
N ASP C 31 22.02 34.60 -41.67
CA ASP C 31 23.24 33.77 -41.61
C ASP C 31 23.30 32.77 -40.44
N THR C 32 22.43 32.94 -39.45
CA THR C 32 22.43 32.03 -38.30
C THR C 32 21.45 30.86 -38.48
N HIS C 33 21.96 29.65 -38.30
CA HIS C 33 21.18 28.42 -38.40
C HIS C 33 20.33 28.23 -37.16
N ILE C 34 19.23 27.49 -37.32
CA ILE C 34 18.41 27.08 -36.17
C ILE C 34 18.50 25.56 -35.96
N MET C 35 18.84 25.15 -34.73
CA MET C 35 18.85 23.74 -34.33
C MET C 35 17.66 23.49 -33.41
N ALA C 36 16.77 22.59 -33.81
CA ALA C 36 15.59 22.24 -33.02
C ALA C 36 15.90 21.09 -32.05
N SER C 37 15.47 21.25 -30.79
CA SER C 37 15.72 20.27 -29.73
C SER C 37 14.54 19.32 -29.63
N VAL C 38 14.78 18.04 -29.92
CA VAL C 38 13.69 17.10 -30.00
C VAL C 38 13.93 15.83 -29.16
N CYS C 39 14.80 15.97 -28.17
CA CYS C 39 15.11 14.90 -27.21
C CYS C 39 13.86 14.54 -26.42
N GLY C 40 13.81 13.30 -25.93
CA GLY C 40 12.70 12.85 -25.10
C GLY C 40 11.39 12.81 -25.87
N ASN C 41 11.43 12.16 -27.03
CA ASN C 41 10.29 12.09 -27.93
C ASN C 41 9.75 13.50 -28.19
N ALA C 42 10.64 14.44 -28.50
CA ALA C 42 10.29 15.86 -28.58
C ALA C 42 9.51 16.35 -27.33
N TYR C 43 10.09 16.10 -26.15
CA TYR C 43 9.50 16.51 -24.86
C TYR C 43 8.06 15.98 -24.72
N GLY C 44 7.87 14.72 -25.10
CA GLY C 44 6.59 14.06 -25.03
C GLY C 44 5.61 14.52 -26.10
N HIS C 45 6.04 15.39 -27.02
CA HIS C 45 5.12 15.89 -28.06
C HIS C 45 5.06 14.95 -29.26
N GLY C 46 6.18 14.33 -29.58
CA GLY C 46 6.27 13.41 -30.70
C GLY C 46 7.43 13.72 -31.61
N ASP C 47 8.51 12.97 -31.40
CA ASP C 47 9.61 12.74 -32.34
C ASP C 47 9.64 13.39 -33.72
N VAL C 48 9.17 12.57 -34.66
CA VAL C 48 9.29 12.88 -36.06
C VAL C 48 8.31 13.98 -36.44
N GLN C 49 7.12 13.94 -35.82
CA GLN C 49 6.08 14.91 -36.10
C GLN C 49 6.57 16.34 -35.85
N VAL C 50 7.23 16.54 -34.71
CA VAL C 50 7.80 17.84 -34.36
C VAL C 50 9.02 18.15 -35.23
N ALA C 51 9.92 17.19 -35.35
CA ALA C 51 11.08 17.37 -36.22
C ALA C 51 10.68 17.85 -37.63
N ARG C 52 9.71 17.18 -38.25
CA ARG C 52 9.27 17.52 -39.60
C ARG C 52 8.76 18.94 -39.68
N THR C 53 7.86 19.28 -38.77
CA THR C 53 7.30 20.62 -38.69
C THR C 53 8.37 21.71 -38.49
N ALA C 54 9.31 21.45 -37.57
CA ALA C 54 10.41 22.40 -37.30
C ALA C 54 11.26 22.58 -38.54
N LEU C 55 11.55 21.48 -39.23
CA LEU C 55 12.36 21.51 -40.44
C LEU C 55 11.63 22.25 -41.55
N GLU C 56 10.32 22.00 -41.67
CA GLU C 56 9.48 22.66 -42.64
C GLU C 56 9.39 24.15 -42.32
N ALA C 57 9.45 24.48 -41.04
CA ALA C 57 9.33 25.87 -40.58
C ALA C 57 10.64 26.67 -40.56
N GLY C 58 11.74 26.04 -40.95
CA GLY C 58 12.99 26.79 -41.09
C GLY C 58 14.20 26.33 -40.30
N ALA C 59 14.02 25.40 -39.37
CA ALA C 59 15.14 24.79 -38.68
C ALA C 59 15.94 23.97 -39.69
N SER C 60 17.25 23.81 -39.50
CA SER C 60 18.03 23.01 -40.45
C SER C 60 18.76 21.82 -39.80
N ARG C 61 18.73 21.76 -38.48
CA ARG C 61 19.38 20.68 -37.74
C ARG C 61 18.53 20.30 -36.54
N LEU C 62 18.67 19.05 -36.09
CA LEU C 62 18.00 18.57 -34.88
C LEU C 62 19.01 18.15 -33.79
N ALA C 63 18.65 18.39 -32.53
CA ALA C 63 19.42 17.92 -31.37
C ALA C 63 18.65 16.86 -30.59
N VAL C 64 19.38 15.83 -30.16
CA VAL C 64 18.86 14.77 -29.28
C VAL C 64 19.88 14.49 -28.19
N ALA C 65 19.45 13.73 -27.19
CA ALA C 65 20.24 13.52 -26.00
C ALA C 65 21.20 12.32 -26.11
N PHE C 66 20.77 11.27 -26.82
CA PHE C 66 21.60 10.07 -27.02
C PHE C 66 21.36 9.40 -28.37
N LEU C 67 22.26 8.50 -28.75
CA LEU C 67 22.27 7.91 -30.09
C LEU C 67 20.92 7.27 -30.49
N ASP C 68 20.34 6.46 -29.60
CA ASP C 68 19.08 5.76 -29.87
C ASP C 68 18.01 6.71 -30.41
N GLU C 69 17.95 7.90 -29.82
CA GLU C 69 17.02 8.94 -30.27
C GLU C 69 17.32 9.45 -31.66
N ALA C 70 18.60 9.58 -32.01
CA ALA C 70 18.98 9.95 -33.37
C ALA C 70 18.64 8.83 -34.36
N LEU C 71 18.92 7.58 -33.98
CA LEU C 71 18.62 6.43 -34.84
C LEU C 71 17.12 6.27 -35.05
N ALA C 72 16.33 6.59 -34.04
CA ALA C 72 14.87 6.53 -34.20
C ALA C 72 14.39 7.56 -35.23
N LEU C 73 14.95 8.77 -35.17
CA LEU C 73 14.64 9.78 -36.19
C LEU C 73 15.04 9.32 -37.59
N ARG C 74 16.26 8.79 -37.75
CA ARG C 74 16.72 8.28 -39.05
C ARG C 74 15.81 7.18 -39.55
N GLU C 75 15.51 6.22 -38.69
CA GLU C 75 14.63 5.09 -39.00
C GLU C 75 13.25 5.53 -39.49
N LYS C 76 12.80 6.70 -39.04
CA LYS C 76 11.47 7.21 -39.35
C LYS C 76 11.46 8.17 -40.53
N GLY C 77 12.64 8.41 -41.10
CA GLY C 77 12.72 9.10 -42.38
C GLY C 77 13.30 10.50 -42.40
N ILE C 78 13.69 11.03 -41.23
CA ILE C 78 14.37 12.33 -41.18
C ILE C 78 15.77 12.21 -41.77
N GLU C 79 16.07 13.08 -42.74
CA GLU C 79 17.40 13.07 -43.34
C GLU C 79 18.24 14.32 -43.02
N ALA C 80 17.65 15.25 -42.30
CA ALA C 80 18.37 16.45 -41.89
C ALA C 80 19.52 16.11 -40.91
N PRO C 81 20.51 17.01 -40.78
CA PRO C 81 21.58 16.73 -39.81
C PRO C 81 21.04 16.59 -38.39
N ILE C 82 21.61 15.65 -37.63
CA ILE C 82 21.27 15.44 -36.24
C ILE C 82 22.51 15.39 -35.33
N LEU C 83 22.50 16.18 -34.26
CA LEU C 83 23.56 16.14 -33.24
C LEU C 83 23.13 15.48 -31.93
N VAL C 84 23.86 14.44 -31.53
CA VAL C 84 23.77 13.91 -30.18
C VAL C 84 24.52 14.87 -29.25
N THR C 85 23.79 15.48 -28.31
CA THR C 85 24.38 16.44 -27.39
C THR C 85 24.91 15.78 -26.10
N GLY C 86 24.54 14.52 -25.85
CA GLY C 86 25.01 13.79 -24.68
C GLY C 86 26.11 12.80 -25.02
N ALA C 87 26.36 11.88 -24.08
CA ALA C 87 27.44 10.90 -24.20
C ALA C 87 27.13 9.77 -25.19
N SER C 88 28.18 9.19 -25.76
CA SER C 88 28.05 8.06 -26.67
C SER C 88 29.24 7.12 -26.47
N ARG C 89 29.11 5.90 -26.98
CA ARG C 89 30.18 4.94 -26.85
C ARG C 89 31.12 5.09 -28.02
N PRO C 90 32.43 5.18 -27.73
CA PRO C 90 33.42 5.18 -28.82
C PRO C 90 33.21 4.03 -29.83
N ALA C 91 32.80 2.86 -29.34
CA ALA C 91 32.59 1.72 -30.23
C ALA C 91 31.44 1.91 -31.21
N ASP C 92 30.58 2.90 -30.96
CA ASP C 92 29.41 3.18 -31.80
C ASP C 92 29.66 4.27 -32.83
N ALA C 93 30.91 4.69 -32.94
CA ALA C 93 31.30 5.71 -33.90
C ALA C 93 30.88 5.37 -35.33
N ALA C 94 31.20 4.16 -35.77
CA ALA C 94 30.90 3.69 -37.13
C ALA C 94 29.40 3.72 -37.43
N LEU C 95 28.59 3.27 -36.45
CA LEU C 95 27.14 3.35 -36.55
C LEU C 95 26.68 4.78 -36.74
N ALA C 96 27.12 5.65 -35.84
CA ALA C 96 26.85 7.06 -35.98
C ALA C 96 27.31 7.61 -37.35
N ALA C 97 28.49 7.18 -37.79
CA ALA C 97 29.04 7.60 -39.10
C ALA C 97 28.16 7.16 -40.29
N GLN C 98 27.85 5.87 -40.36
CA GLN C 98 27.01 5.36 -41.45
C GLN C 98 25.65 6.09 -41.48
N GLN C 99 25.13 6.47 -40.33
CA GLN C 99 23.83 7.12 -40.25
C GLN C 99 23.90 8.65 -40.32
N ARG C 100 25.10 9.18 -40.58
CA ARG C 100 25.33 10.63 -40.72
C ARG C 100 24.78 11.40 -39.52
N ILE C 101 25.14 10.91 -38.33
CA ILE C 101 24.74 11.55 -37.07
C ILE C 101 26.00 12.14 -36.41
N ALA C 102 25.94 13.40 -36.03
CA ALA C 102 27.09 14.02 -35.38
C ALA C 102 27.11 13.72 -33.88
N LEU C 103 28.31 13.49 -33.33
CA LEU C 103 28.48 13.18 -31.91
C LEU C 103 29.22 14.31 -31.21
N THR C 104 28.91 14.50 -29.92
CA THR C 104 29.61 15.49 -29.14
C THR C 104 30.75 14.81 -28.41
N VAL C 105 31.94 15.42 -28.42
CA VAL C 105 33.05 14.95 -27.57
C VAL C 105 33.31 15.87 -26.37
N PHE C 106 33.55 15.23 -25.22
CA PHE C 106 33.78 15.92 -23.95
C PHE C 106 35.20 15.70 -23.45
N ARG C 107 35.86 14.66 -23.95
CA ARG C 107 37.20 14.30 -23.47
C ARG C 107 38.07 13.81 -24.61
N SER C 108 39.35 14.14 -24.57
CA SER C 108 40.30 13.57 -25.53
C SER C 108 40.45 12.07 -25.37
N ASP C 109 40.31 11.53 -24.16
CA ASP C 109 40.42 10.09 -23.93
C ASP C 109 39.41 9.32 -24.81
N TRP C 110 38.20 9.87 -24.91
CA TRP C 110 37.13 9.34 -25.74
C TRP C 110 37.57 9.27 -27.21
N LEU C 111 38.09 10.39 -27.73
CA LEU C 111 38.59 10.47 -29.09
C LEU C 111 39.78 9.57 -29.36
N GLU C 112 40.64 9.41 -28.36
CA GLU C 112 41.76 8.49 -28.42
C GLU C 112 41.21 7.12 -28.78
N GLU C 113 40.14 6.76 -28.09
CA GLU C 113 39.51 5.46 -28.27
C GLU C 113 38.86 5.36 -29.64
N ALA C 114 38.07 6.37 -29.98
CA ALA C 114 37.38 6.36 -31.26
C ALA C 114 38.39 6.32 -32.41
N SER C 115 39.44 7.13 -32.32
CA SER C 115 40.46 7.23 -33.35
C SER C 115 41.16 5.89 -33.66
N ALA C 116 41.44 5.11 -32.61
CA ALA C 116 42.06 3.79 -32.75
C ALA C 116 41.13 2.74 -33.38
N LEU C 117 39.89 2.66 -32.90
CA LEU C 117 38.94 1.67 -33.43
C LEU C 117 38.46 1.95 -34.86
N TYR C 118 38.23 3.22 -35.19
CA TYR C 118 37.57 3.55 -36.45
C TYR C 118 38.57 3.88 -37.54
N SER C 119 38.30 3.39 -38.74
CA SER C 119 39.16 3.63 -39.89
C SER C 119 38.40 4.16 -41.12
N GLY C 120 37.11 3.89 -41.20
CA GLY C 120 36.28 4.28 -42.35
C GLY C 120 35.14 3.30 -42.59
N PRO C 121 34.43 3.45 -43.72
CA PRO C 121 34.67 4.39 -44.81
C PRO C 121 34.00 5.75 -44.64
N PHE C 122 33.05 5.86 -43.74
CA PHE C 122 32.28 7.11 -43.58
C PHE C 122 32.98 8.16 -42.74
N PRO C 123 32.82 9.45 -43.11
CA PRO C 123 33.30 10.53 -42.24
C PRO C 123 32.47 10.65 -40.97
N ILE C 124 33.10 10.86 -39.80
CA ILE C 124 32.35 11.18 -38.57
C ILE C 124 32.48 12.65 -38.24
N HIS C 125 31.35 13.27 -37.94
CA HIS C 125 31.31 14.69 -37.60
C HIS C 125 31.27 14.90 -36.08
N PHE C 126 32.21 15.70 -35.57
CA PHE C 126 32.29 15.94 -34.14
C PHE C 126 32.05 17.39 -33.73
N HIS C 127 31.35 17.56 -32.61
CA HIS C 127 31.18 18.84 -31.95
C HIS C 127 31.84 18.78 -30.58
N LEU C 128 32.61 19.82 -30.27
CA LEU C 128 33.35 19.87 -29.02
C LEU C 128 32.58 20.67 -27.99
N TYR C 129 32.31 20.06 -26.84
CA TYR C 129 31.68 20.77 -25.74
C TYR C 129 32.72 21.34 -24.79
N MET C 130 32.75 22.66 -24.66
CA MET C 130 33.76 23.34 -23.85
C MET C 130 33.28 23.63 -22.44
N ASP C 131 34.07 23.23 -21.44
CA ASP C 131 33.78 23.55 -20.04
C ASP C 131 34.14 25.02 -19.77
N THR C 132 33.13 25.88 -19.73
CA THR C 132 33.33 27.31 -19.53
C THR C 132 33.24 27.68 -18.05
N GLY C 133 33.46 26.70 -17.19
CA GLY C 133 33.49 26.94 -15.76
C GLY C 133 32.58 26.06 -14.93
N MET C 134 31.40 26.57 -14.64
CA MET C 134 30.61 26.08 -13.52
C MET C 134 29.75 24.84 -13.81
N GLY C 135 30.36 23.88 -14.49
CA GLY C 135 29.66 22.64 -14.82
C GLY C 135 30.40 21.40 -14.36
N SER C 136 29.85 20.24 -14.69
CA SER C 136 30.47 19.00 -14.26
C SER C 136 31.17 18.28 -15.41
N LEU C 137 31.24 18.92 -16.58
CA LEU C 137 31.67 18.20 -17.78
C LEU C 137 32.26 19.09 -18.86
N GLY C 138 32.97 18.45 -19.80
CA GLY C 138 33.49 19.14 -20.98
C GLY C 138 35.00 19.23 -20.95
N VAL C 139 35.61 19.55 -22.10
CA VAL C 139 37.06 19.73 -22.18
C VAL C 139 37.39 21.11 -21.59
N LYS C 140 38.43 21.19 -20.77
CA LYS C 140 38.68 22.41 -19.99
C LYS C 140 40.02 23.12 -20.24
N ASP C 141 41.07 22.38 -20.61
CA ASP C 141 42.39 22.99 -20.84
C ASP C 141 42.87 23.01 -22.30
N GLU C 142 43.90 23.84 -22.54
CA GLU C 142 44.45 24.02 -23.88
C GLU C 142 45.16 22.76 -24.35
N GLU C 143 45.78 22.05 -23.41
CA GLU C 143 46.47 20.80 -23.71
C GLU C 143 45.49 19.78 -24.31
N GLU C 144 44.33 19.61 -23.68
CA GLU C 144 43.33 18.66 -24.18
C GLU C 144 42.74 19.07 -25.52
N THR C 145 42.38 20.34 -25.64
CA THR C 145 41.87 20.89 -26.89
C THR C 145 42.81 20.67 -28.07
N LYS C 146 44.11 20.91 -27.86
CA LYS C 146 45.08 20.78 -28.94
C LYS C 146 45.24 19.33 -29.31
N ARG C 147 45.18 18.48 -28.30
CA ARG C 147 45.22 17.04 -28.51
C ARG C 147 44.01 16.60 -29.35
N ILE C 148 42.81 17.05 -28.95
CA ILE C 148 41.58 16.80 -29.68
C ILE C 148 41.69 17.23 -31.15
N VAL C 149 42.22 18.44 -31.38
CA VAL C 149 42.47 18.97 -32.73
C VAL C 149 43.45 18.09 -33.50
N ALA C 150 44.49 17.61 -32.83
CA ALA C 150 45.49 16.74 -33.45
C ALA C 150 44.90 15.39 -33.90
N LEU C 151 44.11 14.75 -33.04
CA LEU C 151 43.40 13.51 -33.38
C LEU C 151 42.48 13.68 -34.60
N ILE C 152 41.75 14.79 -34.65
CA ILE C 152 40.84 15.04 -35.75
C ILE C 152 41.57 15.36 -37.05
N GLU C 153 42.60 16.21 -36.99
CA GLU C 153 43.37 16.62 -38.19
C GLU C 153 44.13 15.44 -38.80
N ARG C 154 44.71 14.60 -37.95
CA ARG C 154 45.37 13.36 -38.33
C ARG C 154 44.45 12.36 -39.04
N HIS C 155 43.37 11.96 -38.36
CA HIS C 155 42.43 10.96 -38.87
C HIS C 155 41.75 11.42 -40.15
N PRO C 156 41.84 10.60 -41.22
CA PRO C 156 41.28 10.89 -42.55
C PRO C 156 39.76 11.10 -42.57
N HIS C 157 39.04 10.41 -41.70
CA HIS C 157 37.57 10.47 -41.69
C HIS C 157 36.95 11.37 -40.61
N PHE C 158 37.77 11.91 -39.72
CA PHE C 158 37.29 12.78 -38.64
C PHE C 158 37.13 14.20 -39.14
N VAL C 159 36.06 14.86 -38.69
CA VAL C 159 35.75 16.24 -39.09
C VAL C 159 35.29 16.98 -37.84
N LEU C 160 35.86 18.16 -37.63
CA LEU C 160 35.44 19.05 -36.54
C LEU C 160 34.35 19.98 -37.05
N GLU C 161 33.10 19.55 -36.86
CA GLU C 161 31.93 20.32 -37.30
C GLU C 161 31.61 21.49 -36.38
N GLY C 162 31.84 21.32 -35.08
CA GLY C 162 31.25 22.24 -34.13
C GLY C 162 31.95 22.51 -32.82
N LEU C 163 31.56 23.63 -32.23
CA LEU C 163 32.08 24.10 -30.96
C LEU C 163 30.89 24.64 -30.23
N TRP C 164 30.61 24.10 -29.05
CA TRP C 164 29.54 24.67 -28.22
C TRP C 164 29.78 24.57 -26.72
N THR C 165 28.89 25.22 -25.99
CA THR C 165 28.98 25.29 -24.54
C THR C 165 27.61 25.65 -23.96
N TRP C 166 27.46 25.47 -22.65
CA TRP C 166 26.28 25.92 -21.96
C TRP C 166 26.70 27.01 -20.99
N PHE C 167 25.95 28.11 -20.93
CA PHE C 167 26.21 29.16 -19.96
C PHE C 167 25.31 29.00 -18.74
N ALA C 168 25.93 28.98 -17.56
CA ALA C 168 25.22 29.11 -16.31
C ALA C 168 24.91 30.59 -16.07
N GLN C 181 32.24 33.30 -18.06
CA GLN C 181 31.93 32.15 -18.92
C GLN C 181 32.03 32.50 -20.40
N TYR C 182 31.40 33.61 -20.79
CA TYR C 182 31.43 34.07 -22.18
C TYR C 182 32.85 34.43 -22.65
N THR C 183 33.60 35.11 -21.80
CA THR C 183 34.99 35.51 -22.06
C THR C 183 35.88 34.28 -22.18
N ARG C 184 35.73 33.38 -21.20
CA ARG C 184 36.37 32.07 -21.20
C ARG C 184 36.12 31.36 -22.53
N PHE C 185 34.89 31.43 -23.02
CA PHE C 185 34.52 30.77 -24.27
C PHE C 185 35.28 31.30 -25.48
N LEU C 186 35.38 32.63 -25.60
CA LEU C 186 36.08 33.26 -26.73
C LEU C 186 37.57 32.92 -26.73
N HIS C 187 38.18 32.93 -25.55
CA HIS C 187 39.58 32.54 -25.40
C HIS C 187 39.75 31.07 -25.79
N MET C 188 38.82 30.23 -25.34
CA MET C 188 38.81 28.82 -25.70
C MET C 188 38.70 28.58 -27.21
N LEU C 189 37.89 29.42 -27.87
CA LEU C 189 37.75 29.42 -29.31
C LEU C 189 39.07 29.69 -30.02
N GLU C 190 39.86 30.61 -29.47
CA GLU C 190 41.16 31.00 -30.05
C GLU C 190 42.17 29.84 -30.05
N TRP C 191 41.93 28.83 -29.22
CA TRP C 191 42.81 27.65 -29.13
C TRP C 191 42.82 26.79 -30.39
N LEU C 192 41.78 26.91 -31.20
CA LEU C 192 41.65 26.13 -32.44
C LEU C 192 42.36 26.82 -33.60
N PRO C 193 42.98 26.04 -34.50
CA PRO C 193 43.66 26.62 -35.66
C PRO C 193 42.73 27.51 -36.50
N SER C 194 41.44 27.16 -36.55
CA SER C 194 40.43 27.92 -37.29
C SER C 194 39.02 27.74 -36.70
N ARG C 195 38.08 28.55 -37.19
CA ARG C 195 36.69 28.41 -36.78
C ARG C 195 36.06 27.16 -37.39
N PRO C 196 35.40 26.33 -36.55
CA PRO C 196 34.61 25.21 -37.06
C PRO C 196 33.38 25.75 -37.77
N PRO C 197 32.79 24.98 -38.70
CA PRO C 197 31.61 25.45 -39.42
C PRO C 197 30.53 26.02 -38.50
N LEU C 198 30.38 25.47 -37.29
CA LEU C 198 29.29 25.89 -36.41
C LEU C 198 29.75 26.18 -35.00
N VAL C 199 29.27 27.31 -34.46
CA VAL C 199 29.60 27.73 -33.11
C VAL C 199 28.31 28.18 -32.44
N PHE C 200 28.01 27.60 -31.28
CA PHE C 200 26.73 27.89 -30.61
C PHE C 200 26.76 27.61 -29.10
N CYS C 201 25.68 27.98 -28.41
CA CYS C 201 25.51 27.63 -27.01
C CYS C 201 24.08 27.12 -26.76
N ALA C 202 23.86 26.46 -25.63
CA ALA C 202 22.54 25.96 -25.28
C ALA C 202 21.82 26.91 -24.31
N THR C 214 28.77 36.37 -32.89
CA THR C 214 29.72 35.38 -33.37
C THR C 214 29.20 33.94 -33.31
N PHE C 215 28.08 33.75 -32.63
CA PHE C 215 27.41 32.45 -32.63
C PHE C 215 26.67 32.23 -33.94
N ASN C 216 26.90 31.07 -34.51
CA ASN C 216 26.53 30.72 -35.86
C ASN C 216 25.18 30.01 -35.94
N MET C 217 24.81 29.39 -34.82
CA MET C 217 23.60 28.59 -34.69
C MET C 217 22.96 28.96 -33.36
N VAL C 218 21.67 28.72 -33.23
CA VAL C 218 21.05 28.79 -31.91
C VAL C 218 20.22 27.53 -31.66
N GLN C 219 20.09 27.16 -30.39
CA GLN C 219 19.16 26.10 -29.99
C GLN C 219 17.80 26.67 -29.66
N PHE C 220 16.77 26.09 -30.27
CA PHE C 220 15.41 26.40 -29.89
C PHE C 220 14.88 25.28 -28.99
N GLY C 221 15.01 25.47 -27.69
CA GLY C 221 14.65 24.44 -26.72
C GLY C 221 13.17 24.38 -26.42
N ILE C 222 12.86 24.48 -25.12
CA ILE C 222 11.51 24.46 -24.59
C ILE C 222 10.58 25.54 -25.20
N ALA C 223 11.18 26.61 -25.74
CA ALA C 223 10.43 27.75 -26.29
C ALA C 223 9.65 27.38 -27.56
N MET C 224 10.21 26.44 -28.31
CA MET C 224 9.59 25.89 -29.53
C MET C 224 8.25 25.27 -29.18
N TYR C 225 8.07 24.92 -27.92
CA TYR C 225 6.88 24.22 -27.46
C TYR C 225 5.88 25.18 -26.77
N GLY C 226 6.21 26.48 -26.78
CA GLY C 226 5.41 27.51 -26.11
C GLY C 226 5.65 27.54 -24.62
N LEU C 227 6.75 26.91 -24.19
CA LEU C 227 7.05 26.59 -22.79
C LEU C 227 5.94 25.79 -22.10
N LEU C 241 4.55 33.28 -28.47
CA LEU C 241 4.77 31.84 -28.19
C LEU C 241 3.48 31.11 -27.82
N LYS C 242 3.11 30.15 -28.66
CA LYS C 242 1.89 29.36 -28.48
C LYS C 242 2.23 27.99 -27.94
N GLU C 243 1.44 27.53 -26.96
CA GLU C 243 1.58 26.19 -26.37
C GLU C 243 1.12 25.16 -27.38
N ALA C 244 1.75 23.98 -27.35
CA ALA C 244 1.47 22.96 -28.36
C ALA C 244 0.79 21.70 -27.84
N PHE C 245 0.59 21.61 -26.54
CA PHE C 245 0.21 20.36 -25.93
C PHE C 245 -1.03 20.56 -25.08
N SER C 246 -2.05 19.75 -25.32
CA SER C 246 -3.20 19.68 -24.43
C SER C 246 -3.54 18.23 -24.10
N LEU C 247 -4.26 18.03 -22.99
CA LEU C 247 -4.47 16.71 -22.45
C LEU C 247 -5.92 16.56 -22.01
N HIS C 248 -6.54 15.45 -22.37
CA HIS C 248 -7.99 15.29 -22.23
C HIS C 248 -8.39 13.90 -21.84
N SER C 249 -9.59 13.79 -21.29
CA SER C 249 -10.17 12.50 -20.95
C SER C 249 -11.70 12.67 -20.98
N ARG C 250 -12.43 11.61 -20.68
CA ARG C 250 -13.89 11.70 -20.62
C ARG C 250 -14.37 11.00 -19.36
N LEU C 251 -15.49 11.48 -18.81
CA LEU C 251 -16.08 10.80 -17.68
C LEU C 251 -16.51 9.40 -18.12
N VAL C 252 -16.24 8.45 -17.25
CA VAL C 252 -16.42 7.05 -17.56
C VAL C 252 -17.33 6.36 -16.54
N HIS C 253 -17.58 7.06 -15.44
CA HIS C 253 -18.61 6.72 -14.45
C HIS C 253 -18.97 7.99 -13.67
N VAL C 254 -20.23 8.08 -13.26
CA VAL C 254 -20.76 9.19 -12.49
C VAL C 254 -21.57 8.64 -11.33
N LYS C 255 -21.17 8.98 -10.10
CA LYS C 255 -21.80 8.49 -8.88
C LYS C 255 -22.35 9.65 -8.06
N LYS C 256 -23.64 9.55 -7.71
CA LYS C 256 -24.31 10.53 -6.88
C LYS C 256 -24.03 10.22 -5.42
N LEU C 257 -23.45 11.18 -4.72
CA LEU C 257 -23.16 11.03 -3.31
C LEU C 257 -24.18 11.78 -2.46
N GLN C 258 -24.78 11.07 -1.49
CA GLN C 258 -25.60 11.69 -0.44
C GLN C 258 -24.70 12.33 0.64
N PRO C 259 -25.13 13.47 1.23
CA PRO C 259 -24.33 14.14 2.27
C PRO C 259 -23.79 13.18 3.33
N GLY C 260 -22.49 13.22 3.56
CA GLY C 260 -21.87 12.32 4.54
C GLY C 260 -21.42 10.97 3.98
N GLU C 261 -21.69 10.71 2.70
CA GLU C 261 -21.23 9.49 2.03
C GLU C 261 -19.73 9.53 1.73
N LYS C 262 -19.14 8.35 1.50
CA LYS C 262 -17.68 8.17 1.55
C LYS C 262 -17.10 7.28 0.42
N VAL C 263 -15.87 7.59 0.00
CA VAL C 263 -15.16 6.77 -0.98
C VAL C 263 -14.18 5.79 -0.31
N SER C 264 -13.00 5.59 -0.90
CA SER C 264 -12.05 4.56 -0.44
C SER C 264 -11.44 4.89 0.91
N THR C 268 -11.65 7.89 3.05
CA THR C 268 -10.73 8.94 2.69
C THR C 268 -11.49 10.26 2.51
N TYR C 269 -12.47 10.27 1.59
CA TYR C 269 -13.20 11.49 1.24
C TYR C 269 -14.68 11.41 1.59
N THR C 270 -15.19 12.46 2.20
CA THR C 270 -16.60 12.53 2.61
C THR C 270 -17.29 13.73 1.96
N ALA C 271 -18.46 13.47 1.38
CA ALA C 271 -19.25 14.54 0.78
C ALA C 271 -19.87 15.40 1.87
N GLN C 272 -20.06 16.68 1.56
CA GLN C 272 -20.66 17.64 2.49
C GLN C 272 -22.17 17.73 2.29
N THR C 273 -22.59 17.80 1.03
CA THR C 273 -24.00 17.75 0.62
C THR C 273 -24.18 16.77 -0.53
N GLU C 274 -25.28 16.91 -1.28
CA GLU C 274 -25.53 16.09 -2.45
C GLU C 274 -24.52 16.44 -3.53
N GLU C 275 -23.79 15.42 -4.00
CA GLU C 275 -22.66 15.62 -4.90
C GLU C 275 -22.63 14.60 -6.02
N TRP C 276 -21.96 14.98 -7.09
CA TRP C 276 -21.70 14.09 -8.21
C TRP C 276 -20.20 13.99 -8.39
N ILE C 277 -19.72 12.75 -8.32
CA ILE C 277 -18.32 12.44 -8.53
C ILE C 277 -18.18 11.69 -9.85
N GLY C 278 -17.34 12.24 -10.73
CA GLY C 278 -17.04 11.63 -12.02
C GLY C 278 -15.68 10.97 -12.00
N THR C 279 -15.58 9.81 -12.62
CA THR C 279 -14.33 9.09 -12.74
C THR C 279 -13.79 9.20 -14.16
N ILE C 280 -12.53 9.59 -14.29
CA ILE C 280 -11.85 9.61 -15.59
C ILE C 280 -10.75 8.54 -15.63
N PRO C 281 -10.56 7.89 -16.80
CA PRO C 281 -9.56 6.84 -16.90
C PRO C 281 -8.17 7.43 -17.21
N ILE C 282 -7.65 8.19 -16.25
CA ILE C 282 -6.23 8.57 -16.23
C ILE C 282 -5.74 8.51 -14.77
N GLY C 283 -4.54 7.96 -14.58
CA GLY C 283 -3.92 7.85 -13.25
C GLY C 283 -2.41 8.03 -13.31
N TYR C 284 -1.70 7.64 -12.25
CA TYR C 284 -0.25 7.89 -12.19
C TYR C 284 0.58 7.05 -13.17
N LYS C 285 0.08 5.89 -13.57
CA LYS C 285 0.75 5.13 -14.63
C LYS C 285 0.80 5.92 -15.95
N ASP C 286 -0.06 6.92 -16.10
CA ASP C 286 -0.11 7.74 -17.32
C ASP C 286 0.70 9.01 -17.18
N GLY C 287 1.42 9.15 -16.07
CA GLY C 287 2.18 10.36 -15.80
C GLY C 287 1.35 11.47 -15.17
N TRP C 288 0.11 11.17 -14.83
CA TRP C 288 -0.72 12.08 -14.06
C TRP C 288 -0.46 11.76 -12.61
N LEU C 289 0.61 12.32 -12.07
CA LEU C 289 1.19 11.83 -10.83
C LEU C 289 0.35 12.12 -9.59
N ARG C 290 0.50 11.26 -8.57
CA ARG C 290 -0.29 11.32 -7.33
C ARG C 290 -0.29 12.70 -6.67
N ARG C 291 0.82 13.42 -6.72
CA ARG C 291 0.92 14.74 -6.12
C ARG C 291 0.03 15.80 -6.82
N LEU C 292 -0.84 15.34 -7.71
CA LEU C 292 -1.86 16.20 -8.31
C LEU C 292 -3.22 15.99 -7.63
N GLN C 293 -3.18 15.29 -6.49
CA GLN C 293 -4.39 14.97 -5.70
C GLN C 293 -5.17 16.14 -5.11
N HIS C 294 -4.88 17.36 -5.52
CA HIS C 294 -5.73 18.49 -5.15
C HIS C 294 -5.89 19.47 -6.28
N PHE C 295 -5.52 19.05 -7.49
CA PHE C 295 -5.54 19.94 -8.64
C PHE C 295 -6.97 20.13 -9.17
N HIS C 296 -7.12 21.03 -10.14
CA HIS C 296 -8.42 21.38 -10.69
C HIS C 296 -8.48 21.22 -12.21
N VAL C 297 -9.33 20.33 -12.70
CA VAL C 297 -9.51 20.12 -14.15
C VAL C 297 -10.69 20.94 -14.71
N LEU C 298 -10.95 20.79 -16.00
CA LEU C 298 -12.11 21.44 -16.60
C LEU C 298 -13.12 20.42 -17.13
N VAL C 299 -14.37 20.59 -16.71
CA VAL C 299 -15.51 19.80 -17.18
C VAL C 299 -16.65 20.79 -17.45
N ASP C 300 -17.37 20.55 -18.54
CA ASP C 300 -18.47 21.40 -19.02
C ASP C 300 -18.02 22.81 -19.44
N GLY C 301 -17.38 23.51 -18.51
CA GLY C 301 -16.78 24.81 -18.79
C GLY C 301 -16.23 25.38 -17.50
N GLN C 302 -16.20 24.53 -16.47
CA GLN C 302 -15.94 24.95 -15.12
C GLN C 302 -14.75 24.23 -14.49
N LYS C 303 -14.10 24.90 -13.55
CA LYS C 303 -13.09 24.24 -12.74
C LYS C 303 -13.79 23.31 -11.76
N ALA C 304 -13.22 22.12 -11.61
CA ALA C 304 -13.73 21.12 -10.69
C ALA C 304 -12.51 20.46 -10.06
N PRO C 305 -12.57 20.16 -8.74
CA PRO C 305 -11.38 19.64 -8.07
C PRO C 305 -11.23 18.13 -8.21
N ILE C 306 -9.98 17.66 -8.30
CA ILE C 306 -9.70 16.24 -8.19
C ILE C 306 -9.88 15.87 -6.73
N VAL C 307 -10.61 14.80 -6.49
CA VAL C 307 -11.01 14.42 -5.16
C VAL C 307 -10.35 13.10 -4.77
N GLY C 308 -9.97 12.97 -3.50
CA GLY C 308 -9.31 11.77 -2.99
C GLY C 308 -7.98 11.48 -3.67
N ARG C 309 -7.46 10.27 -3.48
CA ARG C 309 -6.18 9.87 -4.05
C ARG C 309 -6.27 9.66 -5.56
N ILE C 310 -5.23 10.06 -6.29
CA ILE C 310 -5.05 9.66 -7.69
C ILE C 310 -4.57 8.21 -7.67
N LEU C 311 -5.26 7.34 -8.40
CA LEU C 311 -4.95 5.91 -8.43
C LEU C 311 -4.12 5.54 -9.68
N MET C 312 -3.73 4.27 -9.78
CA MET C 312 -2.99 3.72 -10.92
C MET C 312 -3.50 4.23 -12.27
N ASP C 313 -4.82 4.18 -12.43
CA ASP C 313 -5.47 4.20 -13.74
C ASP C 313 -6.67 5.13 -13.81
N MET C 314 -7.02 5.76 -12.70
CA MET C 314 -8.21 6.60 -12.64
C MET C 314 -8.05 7.65 -11.56
N CYS C 315 -8.82 8.73 -11.69
CA CYS C 315 -9.02 9.66 -10.59
C CYS C 315 -10.45 10.15 -10.54
N MET C 316 -10.89 10.55 -9.35
CA MET C 316 -12.24 11.03 -9.11
C MET C 316 -12.25 12.56 -9.08
N ILE C 317 -13.28 13.17 -9.65
CA ILE C 317 -13.43 14.62 -9.64
C ILE C 317 -14.84 15.05 -9.18
N ARG C 318 -14.89 16.11 -8.36
CA ARG C 318 -16.18 16.65 -7.93
C ARG C 318 -16.76 17.51 -9.06
N LEU C 319 -17.91 17.07 -9.56
CA LEU C 319 -18.55 17.70 -10.71
C LEU C 319 -19.36 18.93 -10.29
N PRO C 320 -19.51 19.90 -11.22
CA PRO C 320 -20.32 21.10 -10.97
C PRO C 320 -21.81 20.75 -10.82
N GLY C 321 -22.29 19.85 -11.68
CA GLY C 321 -23.66 19.35 -11.64
C GLY C 321 -23.73 17.99 -12.32
N PRO C 322 -24.91 17.35 -12.31
CA PRO C 322 -25.01 16.05 -12.97
C PRO C 322 -24.64 16.13 -14.45
N LEU C 323 -23.67 15.33 -14.85
CA LEU C 323 -23.19 15.28 -16.23
C LEU C 323 -23.22 13.83 -16.69
N PRO C 324 -23.52 13.59 -17.97
CA PRO C 324 -23.56 12.20 -18.45
C PRO C 324 -22.17 11.63 -18.69
N VAL C 325 -22.00 10.32 -18.52
CA VAL C 325 -20.73 9.70 -18.90
C VAL C 325 -20.46 10.01 -20.38
N GLY C 326 -19.20 10.22 -20.73
CA GLY C 326 -18.84 10.70 -22.07
C GLY C 326 -18.43 12.16 -22.09
N THR C 327 -18.74 12.90 -21.03
CA THR C 327 -18.43 14.32 -20.93
C THR C 327 -16.93 14.58 -20.93
N LYS C 328 -16.48 15.49 -21.80
CA LYS C 328 -15.07 15.80 -21.97
C LYS C 328 -14.50 16.52 -20.77
N VAL C 329 -13.32 16.08 -20.36
CA VAL C 329 -12.58 16.70 -19.28
C VAL C 329 -11.22 17.08 -19.82
N THR C 330 -10.85 18.34 -19.65
CA THR C 330 -9.58 18.84 -20.12
C THR C 330 -8.66 19.06 -18.94
N LEU C 331 -7.57 18.28 -18.89
CA LEU C 331 -6.59 18.36 -17.81
C LEU C 331 -5.60 19.49 -18.09
N ILE C 332 -5.22 19.64 -19.35
CA ILE C 332 -4.38 20.75 -19.82
C ILE C 332 -4.98 21.23 -21.12
N GLY C 333 -5.28 22.52 -21.19
CA GLY C 333 -5.87 23.09 -22.40
C GLY C 333 -7.01 24.03 -22.11
N ARG C 334 -7.78 24.29 -23.16
CA ARG C 334 -8.81 25.32 -23.17
C ARG C 334 -10.19 24.71 -23.32
N GLN C 335 -11.07 25.07 -22.40
CA GLN C 335 -12.46 24.62 -22.47
C GLN C 335 -13.35 25.84 -22.24
N GLY C 336 -14.15 26.20 -23.24
CA GLY C 336 -14.94 27.42 -23.20
C GLY C 336 -14.01 28.63 -23.20
N ASP C 337 -13.87 29.26 -22.04
CA ASP C 337 -12.97 30.41 -21.89
C ASP C 337 -12.05 30.32 -20.67
N LYS C 338 -12.20 29.26 -19.88
CA LYS C 338 -11.23 28.97 -18.81
C LYS C 338 -10.03 28.24 -19.43
N VAL C 339 -8.89 28.25 -18.74
CA VAL C 339 -7.66 27.71 -19.32
C VAL C 339 -6.73 27.10 -18.25
N ILE C 340 -6.22 25.91 -18.56
CA ILE C 340 -5.16 25.31 -17.77
C ILE C 340 -3.92 25.15 -18.63
N SER C 341 -2.79 25.66 -18.13
CA SER C 341 -1.52 25.66 -18.83
C SER C 341 -0.58 24.63 -18.24
N ILE C 342 0.51 24.35 -18.96
CA ILE C 342 1.57 23.49 -18.42
C ILE C 342 2.12 24.11 -17.13
N ASP C 343 2.29 25.43 -17.14
CA ASP C 343 2.77 26.19 -15.97
C ASP C 343 1.99 25.87 -14.69
N ASP C 344 0.65 25.89 -14.81
CA ASP C 344 -0.26 25.57 -13.72
C ASP C 344 0.04 24.21 -13.06
N VAL C 345 0.23 23.20 -13.88
CA VAL C 345 0.44 21.83 -13.42
C VAL C 345 1.78 21.70 -12.70
N ALA C 346 2.81 22.31 -13.29
CA ALA C 346 4.17 22.24 -12.75
C ALA C 346 4.23 22.96 -11.40
N ARG C 347 3.60 24.13 -11.35
CA ARG C 347 3.44 24.92 -10.13
C ARG C 347 2.87 24.05 -8.99
N HIS C 348 1.75 23.40 -9.27
CA HIS C 348 1.09 22.55 -8.29
C HIS C 348 2.03 21.44 -7.85
N LEU C 349 2.65 20.76 -8.80
CA LEU C 349 3.57 19.66 -8.51
C LEU C 349 4.89 20.17 -7.92
N GLU C 350 5.10 21.49 -7.99
CA GLU C 350 6.33 22.13 -7.53
C GLU C 350 7.55 21.67 -8.36
N THR C 351 7.42 21.76 -9.68
CA THR C 351 8.48 21.39 -10.62
C THR C 351 8.59 22.37 -11.76
N ILE C 352 9.57 22.16 -12.64
CA ILE C 352 9.75 22.95 -13.86
C ILE C 352 8.79 22.50 -14.96
N ASN C 353 8.36 23.44 -15.80
CA ASN C 353 7.47 23.12 -16.92
C ASN C 353 7.98 21.97 -17.82
N TYR C 354 9.29 21.77 -17.83
CA TYR C 354 9.89 20.68 -18.59
C TYR C 354 9.31 19.32 -18.21
N GLU C 355 9.23 19.06 -16.91
CA GLU C 355 8.92 17.72 -16.41
C GLU C 355 7.50 17.23 -16.76
N VAL C 356 6.60 18.16 -17.05
CA VAL C 356 5.17 17.82 -17.21
C VAL C 356 4.85 17.01 -18.48
N PRO C 357 5.00 17.60 -19.69
CA PRO C 357 4.68 16.83 -20.89
C PRO C 357 5.60 15.62 -21.08
N CYS C 358 6.85 15.73 -20.61
CA CYS C 358 7.79 14.62 -20.61
C CYS C 358 7.33 13.41 -19.81
N THR C 359 6.50 13.63 -18.79
CA THR C 359 6.07 12.56 -17.88
C THR C 359 4.77 11.88 -18.33
N ILE C 360 4.02 12.53 -19.21
CA ILE C 360 2.81 11.92 -19.77
C ILE C 360 3.26 10.72 -20.60
N SER C 361 2.80 9.54 -20.21
CA SER C 361 3.48 8.35 -20.67
C SER C 361 3.17 7.94 -22.12
N TYR C 362 3.99 7.02 -22.62
CA TYR C 362 3.81 6.35 -23.90
C TYR C 362 2.37 5.85 -24.11
N ARG C 363 1.72 5.38 -23.04
CA ARG C 363 0.36 4.81 -23.16
C ARG C 363 -0.74 5.81 -23.56
N VAL C 364 -0.42 7.10 -23.51
CA VAL C 364 -1.40 8.11 -23.84
C VAL C 364 -1.26 8.46 -25.32
N PRO C 365 -2.31 8.19 -26.13
CA PRO C 365 -2.24 8.53 -27.56
C PRO C 365 -2.04 10.02 -27.76
N ARG C 366 -1.35 10.38 -28.85
CA ARG C 366 -1.22 11.78 -29.23
C ARG C 366 -1.94 12.00 -30.57
N ILE C 367 -2.86 12.97 -30.62
CA ILE C 367 -3.48 13.40 -31.87
C ILE C 367 -2.73 14.62 -32.40
N PHE C 368 -2.20 14.52 -33.62
CA PHE C 368 -1.53 15.66 -34.26
C PHE C 368 -2.45 16.48 -35.17
N PHE C 369 -2.46 17.79 -34.93
CA PHE C 369 -3.23 18.73 -35.74
C PHE C 369 -2.28 19.59 -36.57
N ARG C 370 -2.55 19.68 -37.87
CA ARG C 370 -1.78 20.53 -38.77
C ARG C 370 -2.73 21.13 -39.80
N HIS C 371 -2.58 22.44 -40.04
CA HIS C 371 -3.51 23.23 -40.87
C HIS C 371 -4.94 23.07 -40.38
N LYS C 372 -5.15 23.19 -39.07
CA LYS C 372 -6.47 23.01 -38.43
C LYS C 372 -6.98 21.56 -38.55
N ARG C 373 -6.63 20.90 -39.66
CA ARG C 373 -6.97 19.50 -39.90
C ARG C 373 -6.20 18.56 -38.96
N ILE C 374 -6.64 17.30 -38.95
CA ILE C 374 -6.11 16.27 -38.07
C ILE C 374 -5.18 15.33 -38.84
N MET C 375 -3.88 15.60 -38.74
CA MET C 375 -2.88 14.99 -39.60
C MET C 375 -2.66 13.50 -39.34
N GLU C 376 -2.70 13.09 -38.07
CA GLU C 376 -2.48 11.67 -37.66
C GLU C 376 -2.65 11.42 -36.16
N VAL C 377 -2.86 10.15 -35.84
CA VAL C 377 -2.95 9.70 -34.44
C VAL C 377 -1.84 8.70 -34.17
N ARG C 378 -1.06 8.90 -33.10
CA ARG C 378 -0.07 7.90 -32.70
C ARG C 378 -0.45 7.27 -31.34
N ASN C 379 -0.78 5.99 -31.37
CA ASN C 379 -0.96 5.17 -30.16
C ASN C 379 0.21 4.18 -30.09
N ALA C 380 1.14 4.44 -29.18
CA ALA C 380 2.36 3.61 -29.04
C ALA C 380 2.08 2.18 -28.60
N ILE C 381 0.99 1.98 -27.85
CA ILE C 381 0.42 0.68 -27.59
C ILE C 381 -0.44 0.35 -28.81
#